data_9G47
#
_entry.id   9G47
#
_cell.length_a   86.777
_cell.length_b   101.212
_cell.length_c   135.322
_cell.angle_alpha   90.00
_cell.angle_beta   90.00
_cell.angle_gamma   90.00
#
_symmetry.space_group_name_H-M   'P 21 21 21'
#
loop_
_entity.id
_entity.type
_entity.pdbx_description
1 polymer 'Glucose-6-phosphate isomerase'
2 non-polymer '5-PHOSPHOARABINONIC ACID'
3 non-polymer quinoxalin-5-ol
4 water water
#
_entity_poly.entity_id   1
_entity_poly.type   'polypeptide(L)'
_entity_poly.pdbx_seq_one_letter_code
;GPLGSMASFKLATDLPEWKKLEETYKSVGEKFSVRDAFAKDPKRFEEFSWIYKNYDDSKILFDFSKNLVNKEILDQLVTL
AKEAGVEKLRDAMFAGDHINTTEDRAVYHVALRNRALRKMPVDGKDTAQEVDDVLKHMKEFSDSIRDGSWTGYTGKSITD
VVNIGIGGSDLGPVMVTEALKAYSKPGLNVHFISNIDGTHTAETLKNLNPETTLFLIASKTFTTAETITNATSAKNWFLA
TAKDSKHIAKHFAALSTNEKEVVAFGIDAKNMFGFESWVGGRYSVWSAIGLSVAIYIGFENFNDFLKGAEAMDQHFLTTP
LENNIPVIGGLLSVWYNNFFGAQTHLVVPFDQYLHRFPAYLQQLSMESNGKSVTRANVFTNYQTGTILFGEPATNAQHSF
FQLVHQGTKLIPADFILAAQSHNPIEKNLHQRMLASNFFAQSEALMVGKDEAKVKAEGATGGLVPHKEFSGNRPTTSILA
QKITPATLGSLIAYYEHLTFTEGAIWNINSFDQWGVELGKVLAKVIGKELDDKKAVATHDASTNGLINQFKEWEE
;
_entity_poly.pdbx_strand_id   A,B
#
# COMPACT_ATOMS: atom_id res chain seq x y z
N MET A 6 -33.06 7.37 15.83
CA MET A 6 -32.87 5.94 15.66
C MET A 6 -32.98 5.50 14.21
N ALA A 7 -32.72 4.23 13.97
CA ALA A 7 -32.68 3.67 12.64
C ALA A 7 -34.08 3.34 12.15
N SER A 8 -34.27 3.43 10.83
CA SER A 8 -35.53 3.08 10.19
C SER A 8 -35.63 1.60 9.84
N PHE A 9 -34.51 0.88 9.87
CA PHE A 9 -34.49 -0.56 9.61
C PHE A 9 -33.31 -1.14 10.37
N LYS A 10 -33.29 -2.46 10.50
CA LYS A 10 -32.27 -3.09 11.33
C LYS A 10 -31.06 -3.55 10.51
N LEU A 11 -31.28 -4.35 9.47
CA LEU A 11 -30.21 -4.94 8.67
C LEU A 11 -30.44 -4.64 7.20
N ALA A 12 -29.35 -4.52 6.43
CA ALA A 12 -29.48 -4.32 5.00
C ALA A 12 -30.29 -5.43 4.34
N THR A 13 -30.18 -6.67 4.84
CA THR A 13 -30.94 -7.77 4.27
C THR A 13 -32.45 -7.65 4.53
N ASP A 14 -32.86 -6.75 5.43
CA ASP A 14 -34.27 -6.44 5.64
C ASP A 14 -34.86 -5.57 4.55
N LEU A 15 -34.04 -4.89 3.79
CA LEU A 15 -34.57 -4.04 2.73
C LEU A 15 -35.10 -4.94 1.62
N PRO A 16 -36.35 -4.74 1.16
CA PRO A 16 -36.92 -5.67 0.17
C PRO A 16 -36.10 -5.79 -1.10
N GLU A 17 -35.43 -4.71 -1.51
CA GLU A 17 -34.69 -4.80 -2.75
C GLU A 17 -33.45 -5.67 -2.62
N TRP A 18 -32.99 -5.94 -1.40
CA TRP A 18 -31.80 -6.77 -1.21
C TRP A 18 -31.98 -8.15 -1.81
N LYS A 19 -33.12 -8.81 -1.52
CA LYS A 19 -33.31 -10.15 -2.08
C LYS A 19 -33.60 -10.08 -3.57
N LYS A 20 -34.19 -8.99 -4.06
CA LYS A 20 -34.34 -8.82 -5.50
C LYS A 20 -32.97 -8.73 -6.18
N LEU A 21 -32.04 -7.99 -5.58
CA LEU A 21 -30.69 -7.92 -6.14
C LEU A 21 -30.01 -9.29 -6.10
N GLU A 22 -30.29 -10.13 -5.11
CA GLU A 22 -29.73 -11.47 -5.11
CA GLU A 22 -29.70 -11.46 -5.13
C GLU A 22 -30.25 -12.28 -6.30
N GLU A 23 -31.54 -12.12 -6.61
CA GLU A 23 -32.10 -12.81 -7.77
C GLU A 23 -31.49 -12.28 -9.06
N THR A 24 -31.32 -10.96 -9.16
CA THR A 24 -30.71 -10.38 -10.35
C THR A 24 -29.26 -10.82 -10.47
N TYR A 25 -28.54 -10.91 -9.35
CA TYR A 25 -27.18 -11.41 -9.40
C TYR A 25 -27.13 -12.81 -10.01
N LYS A 26 -27.97 -13.72 -9.52
CA LYS A 26 -27.96 -15.08 -10.07
C LYS A 26 -28.31 -15.10 -11.55
N SER A 27 -29.26 -14.27 -11.98
CA SER A 27 -29.77 -14.42 -13.34
C SER A 27 -28.96 -13.67 -14.38
N VAL A 28 -28.36 -12.51 -14.06
CA VAL A 28 -27.69 -11.69 -15.06
CA VAL A 28 -27.66 -11.74 -15.08
C VAL A 28 -26.34 -11.17 -14.56
N GLY A 29 -26.21 -11.02 -13.25
CA GLY A 29 -24.99 -10.44 -12.70
C GLY A 29 -23.77 -11.32 -12.72
N GLU A 30 -23.91 -12.56 -12.22
CA GLU A 30 -22.73 -13.41 -12.02
C GLU A 30 -21.97 -13.62 -13.32
N LYS A 31 -22.69 -13.85 -14.42
CA LYS A 31 -22.05 -14.12 -15.70
C LYS A 31 -22.10 -12.92 -16.63
N PHE A 32 -22.21 -11.72 -16.08
CA PHE A 32 -22.34 -10.51 -16.88
C PHE A 32 -21.20 -10.39 -17.88
N SER A 33 -21.55 -10.10 -19.13
CA SER A 33 -20.59 -9.86 -20.20
C SER A 33 -20.61 -8.39 -20.54
N VAL A 34 -19.52 -7.68 -20.21
CA VAL A 34 -19.43 -6.27 -20.57
C VAL A 34 -19.36 -6.11 -22.08
N ARG A 35 -18.63 -7.00 -22.77
CA ARG A 35 -18.60 -6.97 -24.22
C ARG A 35 -20.01 -7.02 -24.80
N ASP A 36 -20.83 -7.97 -24.33
CA ASP A 36 -22.21 -8.06 -24.79
C ASP A 36 -22.99 -6.80 -24.46
N ALA A 37 -22.72 -6.19 -23.30
CA ALA A 37 -23.47 -5.01 -22.90
C ALA A 37 -23.25 -3.87 -23.89
N PHE A 38 -22.00 -3.65 -24.32
CA PHE A 38 -21.73 -2.61 -25.30
C PHE A 38 -22.36 -2.94 -26.65
N ALA A 39 -22.30 -4.21 -27.04
CA ALA A 39 -22.91 -4.63 -28.29
C ALA A 39 -24.42 -4.45 -28.28
N LYS A 40 -25.05 -4.65 -27.11
CA LYS A 40 -26.49 -4.50 -27.00
C LYS A 40 -26.93 -3.04 -27.01
N ASP A 41 -26.05 -2.13 -26.59
CA ASP A 41 -26.46 -0.78 -26.21
C ASP A 41 -25.47 0.22 -26.81
N PRO A 42 -25.80 0.82 -27.97
CA PRO A 42 -24.86 1.75 -28.61
C PRO A 42 -24.61 3.02 -27.81
N LYS A 43 -25.42 3.30 -26.80
CA LYS A 43 -25.29 4.50 -25.99
C LYS A 43 -24.73 4.20 -24.60
N ARG A 44 -24.12 3.02 -24.41
CA ARG A 44 -23.71 2.60 -23.07
C ARG A 44 -22.71 3.58 -22.44
N PHE A 45 -21.71 4.02 -23.20
CA PHE A 45 -20.73 4.95 -22.62
C PHE A 45 -21.43 6.22 -22.15
N GLU A 46 -22.32 6.77 -22.97
CA GLU A 46 -23.06 7.96 -22.57
C GLU A 46 -23.91 7.70 -21.33
N GLU A 47 -24.54 6.53 -21.27
CA GLU A 47 -25.49 6.27 -20.18
C GLU A 47 -24.80 6.01 -18.86
N PHE A 48 -23.56 5.48 -18.88
CA PHE A 48 -22.88 5.10 -17.65
C PHE A 48 -21.61 5.91 -17.42
N SER A 49 -21.52 7.08 -18.03
CA SER A 49 -20.48 8.05 -17.69
C SER A 49 -21.15 9.37 -17.33
N TRP A 50 -20.52 10.10 -16.40
CA TRP A 50 -21.01 11.41 -15.98
C TRP A 50 -19.86 12.41 -15.95
N ILE A 51 -20.10 13.60 -16.48
CA ILE A 51 -19.14 14.69 -16.35
C ILE A 51 -19.50 15.52 -15.13
N TYR A 52 -18.59 15.60 -14.17
CA TYR A 52 -18.71 16.48 -13.03
C TYR A 52 -18.11 17.85 -13.36
N LYS A 53 -18.84 18.92 -13.06
CA LYS A 53 -18.34 20.27 -13.29
C LYS A 53 -18.03 20.92 -11.95
N ASN A 54 -16.77 21.31 -11.76
CA ASN A 54 -16.31 21.89 -10.51
C ASN A 54 -16.72 23.37 -10.44
N TYR A 55 -16.48 23.98 -9.26
CA TYR A 55 -16.91 25.37 -9.05
C TYR A 55 -16.18 26.33 -9.99
N ASP A 56 -14.98 25.96 -10.43
CA ASP A 56 -14.13 26.79 -11.27
C ASP A 56 -14.30 26.47 -12.74
N ASP A 57 -15.34 25.72 -13.10
CA ASP A 57 -15.70 25.30 -14.45
C ASP A 57 -14.77 24.25 -15.02
N SER A 58 -13.79 23.77 -14.26
CA SER A 58 -13.03 22.59 -14.68
C SER A 58 -13.90 21.35 -14.52
N LYS A 59 -13.45 20.24 -15.11
CA LYS A 59 -14.31 19.08 -15.26
C LYS A 59 -13.57 17.79 -14.93
N ILE A 60 -14.34 16.78 -14.52
CA ILE A 60 -13.85 15.43 -14.27
C ILE A 60 -14.85 14.47 -14.88
N LEU A 61 -14.37 13.56 -15.72
CA LEU A 61 -15.20 12.52 -16.32
C LEU A 61 -15.14 11.28 -15.45
N PHE A 62 -16.29 10.81 -14.96
CA PHE A 62 -16.41 9.55 -14.22
C PHE A 62 -17.06 8.53 -15.16
N ASP A 63 -16.28 7.56 -15.64
CA ASP A 63 -16.77 6.57 -16.59
C ASP A 63 -16.91 5.23 -15.87
N PHE A 64 -18.15 4.84 -15.61
CA PHE A 64 -18.46 3.57 -14.95
C PHE A 64 -18.83 2.47 -15.93
N SER A 65 -18.70 2.70 -17.24
CA SER A 65 -19.33 1.81 -18.22
C SER A 65 -18.60 0.49 -18.41
N LYS A 66 -17.39 0.32 -17.89
CA LYS A 66 -16.74 -1.00 -17.94
C LYS A 66 -17.06 -1.85 -16.72
N ASN A 67 -18.00 -1.42 -15.87
CA ASN A 67 -18.39 -2.20 -14.71
C ASN A 67 -19.45 -3.24 -15.08
N LEU A 68 -19.66 -4.20 -14.17
CA LEU A 68 -20.63 -5.27 -14.39
C LEU A 68 -22.00 -4.76 -13.96
N VAL A 69 -22.53 -3.86 -14.78
CA VAL A 69 -23.75 -3.13 -14.43
C VAL A 69 -24.50 -2.81 -15.73
N ASN A 70 -25.82 -2.76 -15.64
CA ASN A 70 -26.65 -2.25 -16.74
C ASN A 70 -27.81 -1.48 -16.12
N LYS A 71 -28.75 -1.05 -16.97
CA LYS A 71 -29.87 -0.24 -16.50
C LYS A 71 -30.67 -0.97 -15.43
N GLU A 72 -30.97 -2.24 -15.66
CA GLU A 72 -31.73 -3.03 -14.69
C GLU A 72 -31.03 -3.06 -13.34
N ILE A 73 -29.73 -3.41 -13.34
CA ILE A 73 -28.98 -3.55 -12.09
C ILE A 73 -28.89 -2.21 -11.38
N LEU A 74 -28.54 -1.16 -12.13
CA LEU A 74 -28.37 0.15 -11.49
C LEU A 74 -29.70 0.66 -10.94
N ASP A 75 -30.79 0.43 -11.66
CA ASP A 75 -32.09 0.87 -11.17
C ASP A 75 -32.41 0.19 -9.84
N GLN A 76 -32.08 -1.11 -9.72
CA GLN A 76 -32.35 -1.82 -8.47
C GLN A 76 -31.45 -1.33 -7.35
N LEU A 77 -30.18 -1.05 -7.64
CA LEU A 77 -29.29 -0.50 -6.63
C LEU A 77 -29.79 0.86 -6.14
N VAL A 78 -30.30 1.69 -7.05
CA VAL A 78 -30.87 2.98 -6.66
C VAL A 78 -32.09 2.77 -5.76
N THR A 79 -32.93 1.80 -6.12
CA THR A 79 -34.07 1.47 -5.27
C THR A 79 -33.61 1.04 -3.88
N LEU A 80 -32.55 0.23 -3.81
CA LEU A 80 -31.99 -0.15 -2.51
C LEU A 80 -31.55 1.06 -1.70
N ALA A 81 -30.90 2.03 -2.36
CA ALA A 81 -30.47 3.25 -1.67
C ALA A 81 -31.67 4.04 -1.15
N LYS A 82 -32.76 4.08 -1.92
CA LYS A 82 -33.97 4.75 -1.42
C LYS A 82 -34.52 4.04 -0.20
N GLU A 83 -34.59 2.70 -0.24
CA GLU A 83 -35.13 1.95 0.88
C GLU A 83 -34.25 2.11 2.12
N ALA A 84 -32.94 2.23 1.92
CA ALA A 84 -31.99 2.40 3.03
C ALA A 84 -31.99 3.81 3.60
N GLY A 85 -32.68 4.75 2.97
CA GLY A 85 -32.68 6.12 3.46
C GLY A 85 -31.33 6.80 3.36
N VAL A 86 -30.58 6.55 2.29
CA VAL A 86 -29.32 7.25 2.08
C VAL A 86 -29.54 8.76 2.09
N GLU A 87 -30.61 9.22 1.42
CA GLU A 87 -30.87 10.66 1.35
C GLU A 87 -31.22 11.23 2.73
N LYS A 88 -32.05 10.54 3.51
CA LYS A 88 -32.38 11.02 4.84
C LYS A 88 -31.14 11.13 5.71
N LEU A 89 -30.29 10.10 5.71
CA LEU A 89 -29.09 10.16 6.54
C LEU A 89 -28.13 11.23 6.04
N ARG A 90 -27.99 11.38 4.72
CA ARG A 90 -27.15 12.45 4.17
C ARG A 90 -27.66 13.81 4.61
N ASP A 91 -28.97 14.04 4.47
CA ASP A 91 -29.51 15.34 4.83
C ASP A 91 -29.32 15.63 6.32
N ALA A 92 -29.42 14.59 7.16
CA ALA A 92 -29.16 14.75 8.59
C ALA A 92 -27.71 15.11 8.86
N MET A 93 -26.79 14.50 8.13
CA MET A 93 -25.38 14.87 8.26
C MET A 93 -25.19 16.37 7.98
N PHE A 94 -25.73 16.85 6.84
CA PHE A 94 -25.59 18.26 6.47
C PHE A 94 -26.34 19.19 7.39
N ALA A 95 -27.35 18.68 8.10
CA ALA A 95 -28.10 19.48 9.07
C ALA A 95 -27.41 19.60 10.41
N GLY A 96 -26.29 18.92 10.62
CA GLY A 96 -25.61 18.97 11.89
C GLY A 96 -26.10 17.99 12.92
N ASP A 97 -26.97 17.06 12.54
CA ASP A 97 -27.51 16.06 13.46
C ASP A 97 -26.41 15.14 13.95
N HIS A 98 -26.59 14.60 15.16
CA HIS A 98 -25.58 13.74 15.79
C HIS A 98 -25.67 12.32 15.23
N ILE A 99 -25.34 12.18 13.94
CA ILE A 99 -25.48 10.87 13.31
C ILE A 99 -24.34 9.93 13.67
N ASN A 100 -23.29 10.42 14.33
CA ASN A 100 -22.30 9.54 14.97
C ASN A 100 -22.90 9.14 16.31
N THR A 101 -23.71 8.08 16.28
CA THR A 101 -24.59 7.78 17.41
C THR A 101 -23.81 7.27 18.62
N THR A 102 -22.75 6.49 18.39
CA THR A 102 -22.06 5.85 19.51
C THR A 102 -21.19 6.81 20.33
N GLU A 103 -20.74 7.92 19.73
CA GLU A 103 -20.04 8.97 20.46
C GLU A 103 -20.92 10.20 20.66
N ASP A 104 -22.17 10.16 20.17
CA ASP A 104 -23.11 11.27 20.25
C ASP A 104 -22.50 12.57 19.76
N ARG A 105 -22.09 12.55 18.49
CA ARG A 105 -21.43 13.68 17.86
C ARG A 105 -22.05 13.96 16.50
N ALA A 106 -22.02 15.23 16.10
CA ALA A 106 -22.26 15.57 14.71
C ALA A 106 -21.10 15.06 13.85
N VAL A 107 -21.36 15.05 12.54
CA VAL A 107 -20.39 14.56 11.56
C VAL A 107 -20.33 15.68 10.52
N TYR A 108 -19.36 16.58 10.66
CA TYR A 108 -19.53 17.86 10.00
C TYR A 108 -18.24 18.31 9.33
N HIS A 109 -17.49 17.37 8.75
CA HIS A 109 -16.42 17.78 7.87
C HIS A 109 -16.94 18.63 6.71
N VAL A 110 -18.20 18.43 6.30
CA VAL A 110 -18.71 19.28 5.20
C VAL A 110 -18.72 20.74 5.63
N ALA A 111 -18.84 21.02 6.92
CA ALA A 111 -18.84 22.41 7.38
C ALA A 111 -17.46 23.06 7.32
N LEU A 112 -16.40 22.25 7.27
CA LEU A 112 -15.05 22.80 7.23
C LEU A 112 -14.77 23.52 5.92
N ARG A 113 -15.38 23.08 4.82
CA ARG A 113 -15.14 23.65 3.51
C ARG A 113 -16.32 24.52 3.05
N ASN A 114 -17.11 25.00 3.99
CA ASN A 114 -18.24 25.88 3.75
C ASN A 114 -17.78 27.30 3.41
N ARG A 115 -17.05 27.45 2.31
CA ARG A 115 -16.55 28.78 1.97
C ARG A 115 -17.66 29.72 1.53
N ALA A 116 -18.80 29.18 1.09
CA ALA A 116 -19.96 30.02 0.79
C ALA A 116 -20.59 30.64 2.04
N LEU A 117 -20.20 30.17 3.24
CA LEU A 117 -20.77 30.64 4.51
C LEU A 117 -22.28 30.43 4.57
N ARG A 118 -22.74 29.29 4.05
CA ARG A 118 -24.10 28.84 4.30
C ARG A 118 -24.29 28.63 5.79
N LYS A 119 -25.55 28.73 6.23
CA LYS A 119 -25.86 28.40 7.61
C LYS A 119 -25.72 26.90 7.80
N MET A 120 -24.79 26.50 8.67
CA MET A 120 -24.51 25.08 8.92
CA MET A 120 -24.49 25.08 8.92
C MET A 120 -24.37 24.88 10.42
N PRO A 121 -25.47 24.59 11.11
CA PRO A 121 -25.47 24.60 12.57
C PRO A 121 -25.23 23.22 13.20
N VAL A 122 -24.50 23.25 14.32
CA VAL A 122 -24.41 22.12 15.24
C VAL A 122 -25.03 22.57 16.55
N ASP A 123 -25.88 21.72 17.14
CA ASP A 123 -26.58 22.08 18.37
C ASP A 123 -27.31 23.41 18.22
N GLY A 124 -27.82 23.67 17.03
CA GLY A 124 -28.62 24.86 16.77
C GLY A 124 -27.84 26.15 16.60
N LYS A 125 -26.50 26.09 16.56
CA LYS A 125 -25.65 27.27 16.44
C LYS A 125 -24.81 27.16 15.18
N ASP A 126 -24.92 28.16 14.31
CA ASP A 126 -24.18 28.17 13.05
C ASP A 126 -22.69 28.04 13.31
N THR A 127 -22.04 27.18 12.51
CA THR A 127 -20.59 27.00 12.59
C THR A 127 -19.80 27.83 11.60
N ALA A 128 -20.47 28.53 10.67
CA ALA A 128 -19.77 29.13 9.54
C ALA A 128 -18.68 30.09 10.00
N GLN A 129 -18.99 30.98 10.93
CA GLN A 129 -17.97 31.98 11.28
C GLN A 129 -16.86 31.39 12.13
N GLU A 130 -17.16 30.42 13.01
CA GLU A 130 -16.10 29.79 13.78
C GLU A 130 -15.10 29.08 12.86
N VAL A 131 -15.61 28.37 11.85
CA VAL A 131 -14.73 27.70 10.90
C VAL A 131 -13.93 28.74 10.11
N ASP A 132 -14.62 29.79 9.66
CA ASP A 132 -13.97 30.84 8.88
C ASP A 132 -12.90 31.55 9.69
N ASP A 133 -13.12 31.74 10.98
CA ASP A 133 -12.12 32.43 11.82
C ASP A 133 -10.84 31.61 11.91
N VAL A 134 -10.96 30.28 12.02
CA VAL A 134 -9.75 29.47 12.07
C VAL A 134 -9.01 29.55 10.73
N LEU A 135 -9.75 29.51 9.63
CA LEU A 135 -9.10 29.64 8.32
C LEU A 135 -8.40 30.98 8.17
N LYS A 136 -8.99 32.05 8.71
CA LYS A 136 -8.33 33.35 8.68
C LYS A 136 -7.01 33.30 9.45
N HIS A 137 -7.02 32.66 10.63
CA HIS A 137 -5.78 32.48 11.39
C HIS A 137 -4.76 31.67 10.60
N MET A 138 -5.21 30.59 9.96
CA MET A 138 -4.33 29.79 9.11
C MET A 138 -3.76 30.60 7.96
N LYS A 139 -4.58 31.45 7.34
CA LYS A 139 -4.07 32.28 6.26
C LYS A 139 -3.03 33.26 6.76
N GLU A 140 -3.31 33.93 7.87
CA GLU A 140 -2.37 34.91 8.41
CA GLU A 140 -2.36 34.92 8.40
C GLU A 140 -1.04 34.27 8.79
N PHE A 141 -1.11 33.14 9.50
CA PHE A 141 0.10 32.45 9.94
C PHE A 141 0.89 31.88 8.75
N SER A 142 0.22 31.16 7.86
CA SER A 142 0.94 30.57 6.73
C SER A 142 1.52 31.65 5.81
N ASP A 143 0.80 32.77 5.63
CA ASP A 143 1.38 33.89 4.88
C ASP A 143 2.68 34.36 5.53
N SER A 144 2.69 34.48 6.86
CA SER A 144 3.87 35.01 7.54
CA SER A 144 3.86 34.99 7.56
C SER A 144 5.03 34.01 7.51
N ILE A 145 4.75 32.71 7.51
CA ILE A 145 5.85 31.75 7.34
C ILE A 145 6.42 31.89 5.93
N ARG A 146 5.54 32.00 4.93
CA ARG A 146 5.96 31.95 3.54
C ARG A 146 6.67 33.22 3.10
N ASP A 147 6.26 34.39 3.61
CA ASP A 147 6.93 35.62 3.21
C ASP A 147 8.14 35.96 4.09
N GLY A 148 8.42 35.15 5.10
CA GLY A 148 9.61 35.34 5.91
C GLY A 148 9.47 36.27 7.10
N SER A 149 8.28 36.85 7.32
CA SER A 149 8.10 37.77 8.44
C SER A 149 7.99 37.06 9.78
N TRP A 150 7.58 35.79 9.78
CA TRP A 150 7.67 34.97 10.99
C TRP A 150 9.07 34.37 11.04
N THR A 151 9.87 34.82 12.00
CA THR A 151 11.26 34.39 12.13
C THR A 151 11.45 33.52 13.36
N GLY A 152 12.50 32.70 13.31
CA GLY A 152 12.88 31.86 14.41
C GLY A 152 13.63 32.63 15.48
N TYR A 153 14.13 31.90 16.47
CA TYR A 153 14.62 32.56 17.69
C TYR A 153 15.94 33.29 17.48
N THR A 154 16.65 33.04 16.37
CA THR A 154 17.82 33.83 16.01
C THR A 154 17.53 34.80 14.88
N GLY A 155 16.27 34.99 14.53
CA GLY A 155 15.89 35.98 13.55
C GLY A 155 15.86 35.52 12.11
N LYS A 156 15.96 34.21 11.86
CA LYS A 156 15.98 33.66 10.51
C LYS A 156 14.59 33.23 10.08
N SER A 157 14.34 33.31 8.79
CA SER A 157 13.08 32.82 8.25
C SER A 157 13.03 31.29 8.34
N ILE A 158 11.81 30.77 8.40
CA ILE A 158 11.59 29.33 8.50
C ILE A 158 11.81 28.69 7.14
N THR A 159 12.58 27.59 7.12
CA THR A 159 12.84 26.83 5.90
C THR A 159 12.21 25.45 5.92
N ASP A 160 11.84 24.95 7.09
CA ASP A 160 11.37 23.57 7.23
C ASP A 160 10.24 23.54 8.23
N VAL A 161 9.15 22.88 7.85
CA VAL A 161 7.97 22.70 8.69
C VAL A 161 7.79 21.21 8.93
N VAL A 162 7.70 20.81 10.20
CA VAL A 162 7.58 19.40 10.57
C VAL A 162 6.22 19.21 11.25
N ASN A 163 5.36 18.42 10.62
CA ASN A 163 4.09 18.03 11.21
C ASN A 163 4.36 16.80 12.08
N ILE A 164 3.89 16.83 13.31
CA ILE A 164 4.00 15.68 14.21
C ILE A 164 2.58 15.25 14.57
N GLY A 165 2.21 14.04 14.16
CA GLY A 165 0.89 13.51 14.41
C GLY A 165 0.81 12.13 13.80
N ILE A 166 -0.30 11.43 14.07
CA ILE A 166 -0.43 10.06 13.58
C ILE A 166 -1.86 9.81 13.11
N GLY A 167 -2.01 8.85 12.20
CA GLY A 167 -3.32 8.51 11.68
C GLY A 167 -3.96 9.67 10.95
N GLY A 168 -5.18 10.03 11.35
CA GLY A 168 -5.87 11.15 10.74
C GLY A 168 -5.15 12.48 10.87
N SER A 169 -4.27 12.61 11.85
CA SER A 169 -3.49 13.83 12.02
C SER A 169 -2.18 13.79 11.25
N ASP A 170 -2.00 12.82 10.36
CA ASP A 170 -0.76 12.66 9.60
C ASP A 170 -1.01 12.41 8.12
N LEU A 171 -1.88 11.46 7.79
CA LEU A 171 -1.87 10.92 6.43
C LEU A 171 -2.46 11.89 5.42
N GLY A 172 -3.45 12.68 5.82
CA GLY A 172 -3.96 13.72 4.95
C GLY A 172 -2.88 14.73 4.58
N PRO A 173 -2.24 15.33 5.59
CA PRO A 173 -1.11 16.23 5.30
C PRO A 173 -0.04 15.60 4.41
N VAL A 174 0.35 14.34 4.67
CA VAL A 174 1.32 13.67 3.81
C VAL A 174 0.79 13.57 2.38
N MET A 175 -0.41 13.02 2.22
CA MET A 175 -0.90 12.71 0.89
C MET A 175 -1.11 13.98 0.06
N VAL A 176 -1.65 15.02 0.70
CA VAL A 176 -2.03 16.21 -0.04
C VAL A 176 -0.80 17.06 -0.37
N THR A 177 0.17 17.15 0.54
CA THR A 177 1.38 17.88 0.17
C THR A 177 2.14 17.15 -0.95
N GLU A 178 2.12 15.81 -0.94
CA GLU A 178 2.70 15.08 -2.07
C GLU A 178 1.91 15.34 -3.35
N ALA A 179 0.58 15.25 -3.28
CA ALA A 179 -0.26 15.36 -4.47
C ALA A 179 -0.17 16.74 -5.10
N LEU A 180 0.00 17.78 -4.30
CA LEU A 180 0.03 19.15 -4.79
C LEU A 180 1.43 19.74 -4.73
N LYS A 181 2.46 18.89 -4.70
CA LYS A 181 3.85 19.33 -4.61
C LYS A 181 4.25 20.29 -5.72
N ALA A 182 3.60 20.22 -6.88
CA ALA A 182 3.94 21.15 -7.96
C ALA A 182 3.65 22.60 -7.58
N TYR A 183 2.81 22.82 -6.56
CA TYR A 183 2.41 24.15 -6.13
C TYR A 183 3.25 24.69 -4.97
N SER A 184 4.30 23.98 -4.58
CA SER A 184 5.17 24.41 -3.49
C SER A 184 6.24 25.37 -4.03
N LYS A 185 7.07 25.90 -3.11
CA LYS A 185 8.12 26.82 -3.51
C LYS A 185 9.48 26.26 -3.11
N PRO A 186 10.51 26.48 -3.93
CA PRO A 186 11.86 26.06 -3.52
C PRO A 186 12.26 26.76 -2.24
N GLY A 187 12.92 26.02 -1.35
CA GLY A 187 13.41 26.56 -0.11
C GLY A 187 12.46 26.49 1.07
N LEU A 188 11.22 26.04 0.87
CA LEU A 188 10.28 25.84 1.98
C LEU A 188 9.76 24.42 1.90
N ASN A 189 10.23 23.57 2.81
CA ASN A 189 9.98 22.13 2.73
C ASN A 189 9.16 21.66 3.93
N VAL A 190 8.39 20.59 3.72
CA VAL A 190 7.55 20.00 4.76
CA VAL A 190 7.58 20.02 4.78
C VAL A 190 8.04 18.59 5.04
N HIS A 191 7.94 18.19 6.32
CA HIS A 191 8.36 16.88 6.78
C HIS A 191 7.34 16.38 7.78
N PHE A 192 7.37 15.07 8.04
CA PHE A 192 6.34 14.43 8.84
C PHE A 192 6.98 13.43 9.78
N ILE A 193 6.66 13.55 11.06
CA ILE A 193 7.00 12.55 12.07
C ILE A 193 5.69 11.97 12.58
N SER A 194 5.56 10.64 12.54
CA SER A 194 4.30 10.04 12.93
C SER A 194 4.49 8.77 13.76
N ASN A 195 5.31 7.85 13.26
CA ASN A 195 5.54 6.60 13.96
C ASN A 195 6.18 6.86 15.32
N ILE A 196 5.80 6.07 16.32
CA ILE A 196 6.51 6.13 17.60
C ILE A 196 7.92 5.58 17.45
N ASP A 197 8.14 4.69 16.48
CA ASP A 197 9.49 4.19 16.20
C ASP A 197 10.48 5.36 16.16
N GLY A 198 11.49 5.30 17.02
CA GLY A 198 12.45 6.39 17.13
C GLY A 198 13.19 6.68 15.84
N THR A 199 13.27 5.71 14.93
CA THR A 199 13.79 5.98 13.59
C THR A 199 13.12 7.19 12.96
N HIS A 200 11.80 7.31 13.09
CA HIS A 200 11.13 8.41 12.40
C HIS A 200 11.61 9.77 12.92
N THR A 201 11.76 9.92 14.23
CA THR A 201 12.29 11.16 14.78
C THR A 201 13.75 11.39 14.34
N ALA A 202 14.61 10.38 14.53
CA ALA A 202 16.03 10.56 14.26
C ALA A 202 16.28 10.90 12.80
N GLU A 203 15.65 10.17 11.87
CA GLU A 203 15.92 10.40 10.45
C GLU A 203 15.35 11.74 9.98
N THR A 204 14.18 12.12 10.47
CA THR A 204 13.58 13.36 9.98
C THR A 204 14.36 14.59 10.44
N LEU A 205 14.86 14.57 11.67
CA LEU A 205 15.52 15.74 12.22
C LEU A 205 17.02 15.80 11.94
N LYS A 206 17.60 14.74 11.36
CA LYS A 206 19.06 14.62 11.30
C LYS A 206 19.74 15.81 10.62
N ASN A 207 19.12 16.35 9.57
CA ASN A 207 19.75 17.42 8.81
C ASN A 207 19.02 18.75 8.94
N LEU A 208 18.08 18.87 9.88
CA LEU A 208 17.34 20.11 10.04
C LEU A 208 18.03 21.03 11.06
N ASN A 209 17.80 22.33 10.90
CA ASN A 209 18.37 23.34 11.78
C ASN A 209 17.31 23.82 12.74
N PRO A 210 17.49 23.68 14.06
CA PRO A 210 16.49 24.19 15.00
C PRO A 210 16.15 25.66 14.81
N GLU A 211 17.11 26.47 14.33
CA GLU A 211 16.86 27.90 14.16
C GLU A 211 15.87 28.20 13.04
N THR A 212 15.69 27.26 12.09
CA THR A 212 14.84 27.53 10.94
C THR A 212 13.77 26.46 10.75
N THR A 213 13.45 25.71 11.81
CA THR A 213 12.45 24.66 11.75
C THR A 213 11.24 24.99 12.61
N LEU A 214 10.04 24.84 12.04
CA LEU A 214 8.77 25.05 12.73
C LEU A 214 8.08 23.71 12.90
N PHE A 215 7.57 23.44 14.10
CA PHE A 215 6.83 22.22 14.38
C PHE A 215 5.35 22.52 14.52
N LEU A 216 4.52 21.69 13.89
CA LEU A 216 3.08 21.68 14.11
C LEU A 216 2.73 20.38 14.83
N ILE A 217 2.24 20.48 16.06
CA ILE A 217 1.84 19.28 16.80
C ILE A 217 0.35 19.07 16.50
N ALA A 218 0.06 18.03 15.73
CA ALA A 218 -1.27 17.79 15.17
C ALA A 218 -1.92 16.66 15.96
N SER A 219 -2.95 16.98 16.73
CA SER A 219 -3.61 15.98 17.56
C SER A 219 -4.96 16.51 18.00
N LYS A 220 -6.02 15.84 17.56
CA LYS A 220 -7.37 16.21 17.98
C LYS A 220 -7.50 16.24 19.48
N THR A 221 -7.10 15.16 20.16
CA THR A 221 -7.21 15.07 21.61
C THR A 221 -6.06 15.78 22.33
N PHE A 222 -4.90 15.87 21.67
CA PHE A 222 -3.65 16.29 22.29
C PHE A 222 -3.26 15.42 23.48
N THR A 223 -3.65 14.13 23.43
CA THR A 223 -3.22 13.16 24.44
C THR A 223 -2.65 11.87 23.84
N THR A 224 -2.64 11.73 22.52
CA THR A 224 -2.21 10.49 21.89
C THR A 224 -0.76 10.17 22.24
N ALA A 225 -0.52 8.92 22.65
CA ALA A 225 0.77 8.55 23.21
C ALA A 225 1.91 8.81 22.23
N GLU A 226 1.79 8.32 21.01
CA GLU A 226 2.85 8.50 20.03
C GLU A 226 3.12 9.98 19.79
N THR A 227 2.06 10.76 19.65
CA THR A 227 2.25 12.15 19.22
C THR A 227 2.86 12.99 20.33
N ILE A 228 2.38 12.82 21.56
CA ILE A 228 2.96 13.60 22.66
C ILE A 228 4.38 13.17 22.93
N THR A 229 4.67 11.87 22.85
CA THR A 229 6.05 11.39 23.01
C THR A 229 6.95 11.95 21.91
N ASN A 230 6.49 11.89 20.65
CA ASN A 230 7.25 12.48 19.55
C ASN A 230 7.42 13.99 19.74
N ALA A 231 6.36 14.69 20.17
CA ALA A 231 6.45 16.13 20.35
C ALA A 231 7.45 16.49 21.44
N THR A 232 7.45 15.72 22.53
CA THR A 232 8.46 15.93 23.57
C THR A 232 9.87 15.71 23.03
N SER A 233 10.07 14.68 22.19
CA SER A 233 11.40 14.47 21.62
C SER A 233 11.81 15.63 20.72
N ALA A 234 10.85 16.20 19.98
CA ALA A 234 11.17 17.35 19.15
C ALA A 234 11.49 18.57 20.00
N LYS A 235 10.77 18.75 21.10
CA LYS A 235 11.09 19.83 22.03
C LYS A 235 12.48 19.66 22.63
N ASN A 236 12.84 18.42 23.00
CA ASN A 236 14.18 18.15 23.52
C ASN A 236 15.25 18.44 22.49
N TRP A 237 15.01 18.03 21.24
CA TRP A 237 15.91 18.33 20.14
C TRP A 237 16.07 19.83 19.97
N PHE A 238 14.94 20.57 19.98
CA PHE A 238 14.99 22.02 19.81
C PHE A 238 15.77 22.67 20.95
N LEU A 239 15.47 22.29 22.19
CA LEU A 239 16.10 22.93 23.34
C LEU A 239 17.57 22.56 23.48
N ALA A 240 18.00 21.43 22.91
CA ALA A 240 19.41 21.10 22.98
C ALA A 240 20.26 22.17 22.29
N THR A 241 19.69 22.86 21.30
CA THR A 241 20.35 23.97 20.62
C THR A 241 19.88 25.33 21.16
N ALA A 242 18.58 25.50 21.33
CA ALA A 242 18.02 26.80 21.66
C ALA A 242 18.09 27.13 23.16
N LYS A 243 18.22 26.11 24.00
CA LYS A 243 18.47 26.23 25.44
C LYS A 243 17.30 26.79 26.24
N ASP A 244 16.75 27.92 25.82
CA ASP A 244 15.74 28.64 26.58
C ASP A 244 14.34 28.28 26.12
N SER A 245 13.46 27.92 27.05
CA SER A 245 12.10 27.52 26.70
C SER A 245 11.27 28.70 26.22
N LYS A 246 11.68 29.94 26.49
CA LYS A 246 10.94 31.08 25.92
C LYS A 246 10.96 31.06 24.40
N HIS A 247 11.93 30.36 23.80
CA HIS A 247 12.06 30.31 22.36
C HIS A 247 11.08 29.33 21.72
N ILE A 248 10.39 28.52 22.51
CA ILE A 248 9.42 27.57 21.97
C ILE A 248 8.28 28.29 21.24
N ALA A 249 7.92 29.50 21.71
CA ALA A 249 6.79 30.21 21.13
C ALA A 249 6.99 30.62 19.68
N LYS A 250 8.23 30.60 19.19
CA LYS A 250 8.48 30.90 17.79
C LYS A 250 8.62 29.66 16.92
N HIS A 251 8.59 28.46 17.53
CA HIS A 251 8.90 27.24 16.79
C HIS A 251 7.90 26.11 16.97
N PHE A 252 6.88 26.26 17.81
CA PHE A 252 5.92 25.20 18.06
C PHE A 252 4.50 25.75 18.01
N ALA A 253 3.68 25.19 17.12
CA ALA A 253 2.25 25.47 17.08
C ALA A 253 1.49 24.16 17.27
N ALA A 254 0.19 24.26 17.54
CA ALA A 254 -0.66 23.11 17.81
C ALA A 254 -1.92 23.17 16.96
N LEU A 255 -2.36 22.01 16.47
CA LEU A 255 -3.59 21.83 15.70
C LEU A 255 -4.45 20.87 16.51
N SER A 256 -5.50 21.36 17.18
CA SER A 256 -6.12 20.53 18.20
C SER A 256 -7.51 21.04 18.55
N THR A 257 -8.26 20.20 19.29
CA THR A 257 -9.51 20.62 19.91
C THR A 257 -9.37 20.90 21.40
N ASN A 258 -8.21 20.64 21.99
CA ASN A 258 -8.05 20.61 23.44
C ASN A 258 -7.08 21.70 23.87
N GLU A 259 -7.59 22.92 24.07
CA GLU A 259 -6.72 24.05 24.41
C GLU A 259 -6.00 23.82 25.73
N LYS A 260 -6.66 23.22 26.71
CA LYS A 260 -6.03 23.01 28.01
C LYS A 260 -4.79 22.13 27.89
N GLU A 261 -4.87 21.04 27.13
CA GLU A 261 -3.71 20.18 26.97
C GLU A 261 -2.62 20.84 26.13
N VAL A 262 -3.02 21.67 25.16
CA VAL A 262 -2.04 22.40 24.37
C VAL A 262 -1.22 23.32 25.26
N VAL A 263 -1.90 24.09 26.12
CA VAL A 263 -1.20 25.04 26.98
C VAL A 263 -0.35 24.30 28.02
N ALA A 264 -0.86 23.19 28.55
CA ALA A 264 -0.10 22.43 29.54
C ALA A 264 1.18 21.86 28.94
N PHE A 265 1.19 21.60 27.63
CA PHE A 265 2.39 21.13 26.96
C PHE A 265 3.43 22.22 26.76
N GLY A 266 3.05 23.49 26.94
CA GLY A 266 3.98 24.59 26.78
C GLY A 266 3.85 25.34 25.48
N ILE A 267 2.80 25.11 24.71
CA ILE A 267 2.54 25.87 23.49
C ILE A 267 1.57 26.99 23.84
N ASP A 268 1.83 28.18 23.31
CA ASP A 268 0.98 29.33 23.61
C ASP A 268 -0.35 29.22 22.88
N ALA A 269 -1.42 29.66 23.56
CA ALA A 269 -2.76 29.60 22.96
C ALA A 269 -2.83 30.40 21.67
N LYS A 270 -2.03 31.46 21.53
CA LYS A 270 -1.99 32.23 20.29
C LYS A 270 -1.52 31.39 19.11
N ASN A 271 -0.76 30.32 19.38
CA ASN A 271 -0.22 29.42 18.37
C ASN A 271 -1.05 28.16 18.21
N MET A 272 -2.28 28.18 18.71
CA MET A 272 -3.22 27.07 18.58
C MET A 272 -4.18 27.33 17.43
N PHE A 273 -4.38 26.30 16.60
CA PHE A 273 -5.33 26.35 15.50
C PHE A 273 -6.37 25.28 15.80
N GLY A 274 -7.59 25.71 16.12
CA GLY A 274 -8.55 24.82 16.71
C GLY A 274 -9.49 24.18 15.70
N PHE A 275 -10.11 23.08 16.15
CA PHE A 275 -11.25 22.51 15.45
C PHE A 275 -12.12 21.81 16.49
N GLU A 276 -13.19 21.18 16.03
CA GLU A 276 -14.23 20.68 16.91
C GLU A 276 -14.31 19.16 16.88
N SER A 277 -15.00 18.61 17.89
CA SER A 277 -15.16 17.18 18.03
C SER A 277 -15.86 16.54 16.84
N TRP A 278 -16.64 17.30 16.08
CA TRP A 278 -17.37 16.74 14.95
C TRP A 278 -16.53 16.61 13.69
N VAL A 279 -15.22 16.80 13.79
CA VAL A 279 -14.28 16.54 12.72
C VAL A 279 -13.60 15.20 13.01
N GLY A 280 -13.95 14.15 12.27
CA GLY A 280 -13.24 12.89 12.41
C GLY A 280 -11.84 12.98 11.84
N GLY A 281 -10.89 12.30 12.49
CA GLY A 281 -9.51 12.37 12.04
C GLY A 281 -9.32 12.06 10.56
N ARG A 282 -9.99 11.01 10.07
CA ARG A 282 -9.85 10.62 8.67
C ARG A 282 -10.61 11.54 7.72
N TYR A 283 -11.31 12.54 8.26
CA TYR A 283 -11.99 13.60 7.52
C TYR A 283 -11.45 14.97 7.92
N SER A 284 -10.21 15.06 8.42
CA SER A 284 -9.77 16.26 9.11
C SER A 284 -8.81 17.14 8.31
N VAL A 285 -8.34 16.70 7.14
CA VAL A 285 -7.35 17.50 6.42
C VAL A 285 -7.92 18.86 6.00
N TRP A 286 -9.25 19.00 5.97
CA TRP A 286 -9.91 20.25 5.62
C TRP A 286 -9.88 21.28 6.74
N SER A 287 -9.53 20.86 7.95
CA SER A 287 -9.55 21.70 9.14
C SER A 287 -8.18 22.30 9.38
N ALA A 288 -7.96 22.82 10.60
CA ALA A 288 -6.63 23.21 11.06
C ALA A 288 -5.58 22.16 10.79
N ILE A 289 -5.96 20.87 10.77
CA ILE A 289 -4.99 19.80 10.49
C ILE A 289 -4.31 20.01 9.15
N GLY A 290 -4.96 20.73 8.22
CA GLY A 290 -4.36 21.02 6.94
C GLY A 290 -3.37 22.18 6.92
N LEU A 291 -2.95 22.68 8.09
CA LEU A 291 -2.10 23.87 8.11
C LEU A 291 -0.78 23.63 7.35
N SER A 292 -0.20 22.44 7.46
CA SER A 292 1.03 22.18 6.70
C SER A 292 0.80 22.32 5.21
N VAL A 293 -0.38 21.95 4.72
CA VAL A 293 -0.69 22.15 3.30
C VAL A 293 -0.71 23.63 2.97
N ALA A 294 -1.42 24.43 3.76
CA ALA A 294 -1.48 25.88 3.50
C ALA A 294 -0.10 26.51 3.51
N ILE A 295 0.78 26.05 4.40
CA ILE A 295 2.14 26.59 4.43
C ILE A 295 2.91 26.17 3.19
N TYR A 296 2.77 24.90 2.80
CA TYR A 296 3.59 24.36 1.72
C TYR A 296 3.22 24.96 0.37
N ILE A 297 1.93 25.12 0.08
CA ILE A 297 1.47 25.57 -1.23
C ILE A 297 0.74 26.92 -1.18
N GLY A 298 0.60 27.53 -0.01
CA GLY A 298 -0.08 28.82 0.08
C GLY A 298 -1.55 28.68 0.44
N PHE A 299 -2.07 29.62 1.22
CA PHE A 299 -3.45 29.49 1.67
C PHE A 299 -4.44 29.53 0.51
N GLU A 300 -4.17 30.33 -0.52
CA GLU A 300 -5.13 30.44 -1.62
C GLU A 300 -5.32 29.08 -2.31
N ASN A 301 -4.22 28.35 -2.53
CA ASN A 301 -4.35 27.00 -3.07
C ASN A 301 -5.08 26.07 -2.10
N PHE A 302 -4.80 26.18 -0.80
CA PHE A 302 -5.56 25.39 0.17
C PHE A 302 -7.04 25.73 0.14
N ASN A 303 -7.38 27.01 -0.02
CA ASN A 303 -8.77 27.42 -0.09
C ASN A 303 -9.44 26.87 -1.35
N ASP A 304 -8.73 26.86 -2.47
CA ASP A 304 -9.27 26.27 -3.70
C ASP A 304 -9.52 24.78 -3.51
N PHE A 305 -8.65 24.11 -2.76
CA PHE A 305 -8.83 22.72 -2.37
C PHE A 305 -10.12 22.54 -1.57
N LEU A 306 -10.36 23.40 -0.58
CA LEU A 306 -11.63 23.35 0.15
C LEU A 306 -12.81 23.59 -0.78
N LYS A 307 -12.70 24.55 -1.69
CA LYS A 307 -13.83 24.85 -2.56
C LYS A 307 -14.13 23.71 -3.53
N GLY A 308 -13.12 22.93 -3.91
CA GLY A 308 -13.40 21.74 -4.71
C GLY A 308 -14.19 20.70 -3.94
N ALA A 309 -13.87 20.51 -2.65
CA ALA A 309 -14.67 19.64 -1.81
C ALA A 309 -16.09 20.19 -1.67
N GLU A 310 -16.22 21.49 -1.46
CA GLU A 310 -17.53 22.11 -1.29
C GLU A 310 -18.41 21.88 -2.51
N ALA A 311 -17.85 22.02 -3.71
CA ALA A 311 -18.62 21.79 -4.93
C ALA A 311 -19.08 20.34 -5.03
N MET A 312 -18.23 19.38 -4.66
CA MET A 312 -18.65 17.98 -4.67
C MET A 312 -19.69 17.69 -3.59
N ASP A 313 -19.58 18.37 -2.43
CA ASP A 313 -20.63 18.29 -1.41
C ASP A 313 -21.96 18.72 -1.98
N GLN A 314 -21.98 19.84 -2.71
CA GLN A 314 -23.24 20.32 -3.27
C GLN A 314 -23.78 19.38 -4.33
N HIS A 315 -22.90 18.78 -5.14
CA HIS A 315 -23.33 17.73 -6.06
C HIS A 315 -24.00 16.58 -5.31
N PHE A 316 -23.34 16.09 -4.26
CA PHE A 316 -23.85 14.97 -3.47
C PHE A 316 -25.20 15.32 -2.83
N LEU A 317 -25.33 16.56 -2.35
CA LEU A 317 -26.52 16.96 -1.62
C LEU A 317 -27.74 17.15 -2.52
N THR A 318 -27.54 17.64 -3.75
CA THR A 318 -28.64 18.14 -4.56
C THR A 318 -28.98 17.28 -5.78
N THR A 319 -28.24 16.19 -6.03
CA THR A 319 -28.46 15.45 -7.26
C THR A 319 -29.29 14.20 -7.00
N PRO A 320 -30.35 13.97 -7.78
CA PRO A 320 -31.10 12.71 -7.66
C PRO A 320 -30.17 11.51 -7.74
N LEU A 321 -30.50 10.47 -6.97
CA LEU A 321 -29.60 9.34 -6.76
C LEU A 321 -29.07 8.77 -8.07
N GLU A 322 -29.92 8.65 -9.08
CA GLU A 322 -29.52 7.96 -10.31
C GLU A 322 -28.46 8.70 -11.11
N ASN A 323 -28.18 9.97 -10.80
CA ASN A 323 -27.15 10.73 -11.47
C ASN A 323 -26.11 11.26 -10.49
N ASN A 324 -26.16 10.77 -9.25
CA ASN A 324 -25.34 11.26 -8.15
C ASN A 324 -24.05 10.46 -8.14
N ILE A 325 -22.94 11.10 -8.54
CA ILE A 325 -21.71 10.37 -8.86
C ILE A 325 -21.16 9.58 -7.67
N PRO A 326 -20.98 10.16 -6.49
CA PRO A 326 -20.51 9.34 -5.35
C PRO A 326 -21.49 8.25 -4.95
N VAL A 327 -22.79 8.48 -5.10
CA VAL A 327 -23.76 7.42 -4.81
C VAL A 327 -23.55 6.26 -5.78
N ILE A 328 -23.39 6.55 -7.07
CA ILE A 328 -23.20 5.48 -8.06
C ILE A 328 -21.95 4.65 -7.70
N GLY A 329 -20.86 5.32 -7.35
CA GLY A 329 -19.66 4.59 -6.94
C GLY A 329 -19.89 3.73 -5.71
N GLY A 330 -20.67 4.23 -4.75
CA GLY A 330 -20.95 3.44 -3.57
C GLY A 330 -21.87 2.26 -3.84
N LEU A 331 -22.86 2.46 -4.72
CA LEU A 331 -23.75 1.37 -5.08
C LEU A 331 -22.98 0.25 -5.79
N LEU A 332 -22.05 0.60 -6.69
CA LEU A 332 -21.25 -0.43 -7.34
C LEU A 332 -20.39 -1.18 -6.33
N SER A 333 -19.85 -0.48 -5.33
CA SER A 333 -19.08 -1.15 -4.29
C SER A 333 -19.92 -2.16 -3.55
N VAL A 334 -21.15 -1.80 -3.18
CA VAL A 334 -22.04 -2.76 -2.52
C VAL A 334 -22.32 -3.95 -3.42
N TRP A 335 -22.59 -3.70 -4.70
CA TRP A 335 -22.84 -4.78 -5.65
C TRP A 335 -21.70 -5.78 -5.66
N TYR A 336 -20.46 -5.30 -5.76
CA TYR A 336 -19.32 -6.21 -5.78
C TYR A 336 -19.09 -6.88 -4.43
N ASN A 337 -19.15 -6.09 -3.34
CA ASN A 337 -18.85 -6.60 -2.00
C ASN A 337 -19.84 -7.65 -1.54
N ASN A 338 -21.13 -7.39 -1.75
CA ASN A 338 -22.18 -8.17 -1.12
C ASN A 338 -22.85 -9.17 -2.06
N PHE A 339 -22.69 -9.02 -3.36
CA PHE A 339 -23.31 -9.97 -4.27
C PHE A 339 -22.29 -10.78 -5.06
N PHE A 340 -21.20 -10.16 -5.54
CA PHE A 340 -20.12 -10.96 -6.11
C PHE A 340 -19.19 -11.55 -5.05
N GLY A 341 -19.15 -10.95 -3.86
CA GLY A 341 -18.26 -11.44 -2.82
C GLY A 341 -16.81 -11.04 -2.99
N ALA A 342 -16.55 -10.00 -3.78
CA ALA A 342 -15.19 -9.47 -3.89
C ALA A 342 -14.85 -8.72 -2.62
N GLN A 343 -13.73 -9.07 -1.99
CA GLN A 343 -13.40 -8.46 -0.71
C GLN A 343 -12.57 -7.18 -0.84
N THR A 344 -12.04 -6.87 -2.02
CA THR A 344 -11.12 -5.75 -2.13
C THR A 344 -11.59 -4.73 -3.16
N HIS A 345 -10.97 -3.55 -3.09
CA HIS A 345 -11.23 -2.42 -3.97
C HIS A 345 -9.88 -1.76 -4.26
N LEU A 346 -9.49 -1.75 -5.53
CA LEU A 346 -8.19 -1.25 -5.96
C LEU A 346 -8.31 0.16 -6.49
N VAL A 347 -7.42 1.06 -6.06
CA VAL A 347 -7.37 2.41 -6.60
C VAL A 347 -5.97 2.67 -7.13
N VAL A 348 -5.89 3.01 -8.41
CA VAL A 348 -4.63 3.15 -9.13
C VAL A 348 -4.56 4.54 -9.76
N PRO A 349 -3.81 5.48 -9.15
CA PRO A 349 -3.58 6.77 -9.80
C PRO A 349 -2.48 6.63 -10.85
N PHE A 350 -2.80 7.00 -12.09
CA PHE A 350 -1.81 7.12 -13.15
C PHE A 350 -1.16 8.50 -13.02
N ASP A 351 -0.42 8.66 -11.91
CA ASP A 351 0.02 9.97 -11.45
C ASP A 351 0.97 9.79 -10.27
N GLN A 352 2.24 10.14 -10.47
CA GLN A 352 3.24 9.91 -9.44
C GLN A 352 3.00 10.81 -8.22
N TYR A 353 2.56 12.06 -8.43
CA TYR A 353 2.29 12.92 -7.27
C TYR A 353 1.25 12.31 -6.34
N LEU A 354 0.27 11.57 -6.89
CA LEU A 354 -0.77 10.93 -6.08
CA LEU A 354 -0.77 10.92 -6.11
C LEU A 354 -0.34 9.58 -5.53
N HIS A 355 0.96 9.31 -5.37
CA HIS A 355 1.38 7.98 -4.94
C HIS A 355 0.87 7.59 -3.55
N ARG A 356 0.55 8.54 -2.68
CA ARG A 356 0.00 8.22 -1.36
C ARG A 356 -1.52 8.31 -1.32
N PHE A 357 -2.16 8.55 -2.47
CA PHE A 357 -3.61 8.62 -2.53
C PHE A 357 -4.27 7.30 -2.13
N PRO A 358 -3.82 6.12 -2.61
CA PRO A 358 -4.47 4.87 -2.14
C PRO A 358 -4.33 4.66 -0.64
N ALA A 359 -3.17 4.99 -0.05
CA ALA A 359 -3.02 4.80 1.39
C ALA A 359 -3.99 5.71 2.16
N TYR A 360 -4.18 6.94 1.68
CA TYR A 360 -5.13 7.83 2.35
C TYR A 360 -6.56 7.28 2.24
N LEU A 361 -6.94 6.83 1.04
CA LEU A 361 -8.28 6.26 0.87
C LEU A 361 -8.46 4.98 1.68
N GLN A 362 -7.38 4.22 1.85
CA GLN A 362 -7.45 3.01 2.65
C GLN A 362 -7.85 3.32 4.09
N GLN A 363 -7.31 4.40 4.66
CA GLN A 363 -7.77 4.82 5.98
C GLN A 363 -9.22 5.29 5.94
N LEU A 364 -9.51 6.22 5.04
CA LEU A 364 -10.87 6.76 4.92
C LEU A 364 -11.90 5.65 4.83
N SER A 365 -11.66 4.70 3.92
CA SER A 365 -12.64 3.66 3.63
C SER A 365 -12.71 2.64 4.74
N MET A 366 -11.57 2.00 5.05
CA MET A 366 -11.59 0.84 5.96
C MET A 366 -11.90 1.24 7.40
N GLU A 367 -11.38 2.39 7.84
CA GLU A 367 -11.66 2.82 9.21
C GLU A 367 -13.12 3.28 9.35
N SER A 368 -13.69 3.84 8.28
CA SER A 368 -15.11 4.19 8.33
C SER A 368 -15.99 2.95 8.35
N ASN A 369 -15.75 2.01 7.44
CA ASN A 369 -16.76 0.99 7.18
C ASN A 369 -16.38 -0.40 7.67
N GLY A 370 -15.27 -0.54 8.39
CA GLY A 370 -14.91 -1.79 9.03
C GLY A 370 -15.64 -1.97 10.34
N LYS A 371 -16.93 -2.32 10.25
CA LYS A 371 -17.86 -2.34 11.36
C LYS A 371 -18.74 -3.57 11.24
N SER A 372 -19.19 -4.09 12.38
CA SER A 372 -20.03 -5.28 12.39
C SER A 372 -21.37 -5.05 13.09
N VAL A 373 -21.69 -3.81 13.46
CA VAL A 373 -22.92 -3.51 14.20
C VAL A 373 -23.64 -2.38 13.49
N THR A 374 -24.97 -2.48 13.39
CA THR A 374 -25.74 -1.47 12.70
C THR A 374 -26.26 -0.40 13.66
N ARG A 375 -26.90 0.62 13.07
CA ARG A 375 -27.55 1.71 13.80
C ARG A 375 -28.76 1.24 14.59
N ALA A 376 -29.24 0.02 14.35
CA ALA A 376 -30.23 -0.59 15.22
C ALA A 376 -29.60 -1.37 16.35
N ASN A 377 -28.26 -1.34 16.44
CA ASN A 377 -27.49 -1.93 17.53
C ASN A 377 -27.63 -3.46 17.56
N VAL A 378 -27.63 -4.06 16.35
CA VAL A 378 -27.58 -5.51 16.18
C VAL A 378 -26.41 -5.84 15.26
N PHE A 379 -25.92 -7.07 15.37
CA PHE A 379 -24.77 -7.49 14.57
C PHE A 379 -25.20 -7.77 13.14
N THR A 380 -24.32 -7.43 12.20
CA THR A 380 -24.60 -7.70 10.79
C THR A 380 -24.50 -9.20 10.53
N ASN A 381 -25.21 -9.65 9.49
CA ASN A 381 -25.05 -11.00 8.97
CA ASN A 381 -25.11 -11.00 8.95
C ASN A 381 -24.63 -10.96 7.50
N TYR A 382 -23.96 -9.89 7.11
CA TYR A 382 -23.51 -9.67 5.73
C TYR A 382 -22.22 -8.88 5.77
N GLN A 383 -21.54 -8.84 4.64
CA GLN A 383 -20.25 -8.16 4.54
C GLN A 383 -20.42 -6.65 4.61
N THR A 384 -19.53 -5.99 5.32
CA THR A 384 -19.45 -4.52 5.35
C THR A 384 -18.16 -4.10 4.65
N GLY A 385 -17.39 -3.17 5.20
CA GLY A 385 -16.27 -2.55 4.54
C GLY A 385 -15.33 -3.46 3.77
N THR A 386 -14.98 -2.97 2.59
CA THR A 386 -14.03 -3.64 1.72
CA THR A 386 -14.03 -3.56 1.66
C THR A 386 -12.60 -3.31 2.13
N ILE A 387 -11.67 -4.12 1.65
CA ILE A 387 -10.24 -3.89 1.84
C ILE A 387 -9.74 -3.07 0.64
N LEU A 388 -9.35 -1.83 0.87
CA LEU A 388 -8.92 -0.95 -0.21
C LEU A 388 -7.40 -0.89 -0.25
N PHE A 389 -6.83 -0.95 -1.46
CA PHE A 389 -5.39 -0.93 -1.61
C PHE A 389 -5.04 -0.31 -2.96
N GLY A 390 -3.74 -0.06 -3.18
CA GLY A 390 -3.30 0.44 -4.47
C GLY A 390 -1.89 0.98 -4.42
N GLU A 391 -1.35 1.17 -5.63
CA GLU A 391 -0.07 1.77 -5.92
C GLU A 391 -0.24 2.56 -7.21
N PRO A 392 0.67 3.50 -7.50
CA PRO A 392 0.56 4.25 -8.76
C PRO A 392 0.86 3.38 -9.98
N ALA A 393 0.26 3.75 -11.09
CA ALA A 393 0.64 3.26 -12.40
C ALA A 393 1.56 4.32 -13.03
N THR A 394 2.47 3.89 -13.91
CA THR A 394 2.45 2.55 -14.49
C THR A 394 3.15 1.44 -13.69
N ASN A 395 3.80 1.77 -12.58
CA ASN A 395 4.50 0.76 -11.78
C ASN A 395 3.63 -0.46 -11.50
N ALA A 396 2.38 -0.23 -11.05
CA ALA A 396 1.52 -1.35 -10.65
C ALA A 396 1.28 -2.33 -11.79
N GLN A 397 1.35 -1.86 -13.05
CA GLN A 397 1.17 -2.72 -14.21
C GLN A 397 2.24 -3.79 -14.33
N HIS A 398 3.40 -3.54 -13.71
CA HIS A 398 4.54 -4.43 -13.77
C HIS A 398 4.60 -5.38 -12.59
N SER A 399 3.67 -5.26 -11.66
CA SER A 399 3.72 -6.03 -10.43
C SER A 399 2.40 -6.76 -10.19
N PHE A 400 1.59 -6.26 -9.27
CA PHE A 400 0.41 -7.03 -8.89
C PHE A 400 -0.71 -6.97 -9.92
N PHE A 401 -0.59 -6.15 -10.96
CA PHE A 401 -1.55 -6.24 -12.07
C PHE A 401 -1.56 -7.63 -12.69
N GLN A 402 -0.48 -8.40 -12.54
CA GLN A 402 -0.52 -9.79 -12.98
C GLN A 402 -1.74 -10.51 -12.40
N LEU A 403 -1.96 -10.36 -11.10
CA LEU A 403 -3.07 -11.02 -10.45
C LEU A 403 -4.40 -10.39 -10.85
N VAL A 404 -4.43 -9.06 -11.00
CA VAL A 404 -5.66 -8.41 -11.43
C VAL A 404 -6.11 -8.97 -12.78
N HIS A 405 -5.16 -9.23 -13.68
CA HIS A 405 -5.47 -9.73 -15.02
C HIS A 405 -5.78 -11.23 -15.06
N GLN A 406 -5.01 -12.05 -14.34
CA GLN A 406 -5.05 -13.50 -14.54
C GLN A 406 -5.34 -14.33 -13.30
N GLY A 407 -5.52 -13.71 -12.13
CA GLY A 407 -5.81 -14.45 -10.92
C GLY A 407 -7.26 -14.90 -10.83
N THR A 408 -7.61 -15.40 -9.64
CA THR A 408 -8.91 -16.00 -9.38
C THR A 408 -9.83 -15.10 -8.56
N LYS A 409 -9.45 -13.85 -8.33
CA LYS A 409 -10.20 -12.94 -7.48
C LYS A 409 -10.69 -11.75 -8.29
N LEU A 410 -11.97 -11.43 -8.15
CA LEU A 410 -12.50 -10.22 -8.74
C LEU A 410 -12.02 -9.02 -7.94
N ILE A 411 -11.40 -8.06 -8.61
CA ILE A 411 -10.84 -6.88 -7.94
C ILE A 411 -11.35 -5.63 -8.65
N PRO A 412 -12.51 -5.12 -8.26
CA PRO A 412 -12.99 -3.85 -8.80
C PRO A 412 -11.94 -2.77 -8.63
N ALA A 413 -11.69 -2.01 -9.69
CA ALA A 413 -10.56 -1.08 -9.72
C ALA A 413 -10.99 0.28 -10.26
N ASP A 414 -10.44 1.32 -9.63
CA ASP A 414 -10.59 2.70 -10.08
C ASP A 414 -9.25 3.16 -10.62
N PHE A 415 -9.23 3.63 -11.87
CA PHE A 415 -8.05 4.21 -12.50
C PHE A 415 -8.27 5.72 -12.61
N ILE A 416 -7.25 6.50 -12.27
CA ILE A 416 -7.36 7.97 -12.27
C ILE A 416 -6.23 8.56 -13.10
N LEU A 417 -6.58 9.45 -14.02
CA LEU A 417 -5.60 10.10 -14.88
C LEU A 417 -5.96 11.57 -15.05
N ALA A 418 -4.94 12.45 -15.05
CA ALA A 418 -5.09 13.83 -15.46
C ALA A 418 -4.70 13.98 -16.93
N ALA A 419 -5.53 14.71 -17.68
CA ALA A 419 -5.23 14.91 -19.10
C ALA A 419 -4.00 15.79 -19.30
N GLN A 420 -3.74 16.69 -18.36
CA GLN A 420 -2.60 17.61 -18.42
C GLN A 420 -1.70 17.38 -17.22
N SER A 421 -0.39 17.31 -17.48
CA SER A 421 0.63 17.10 -16.47
C SER A 421 1.19 18.44 -15.98
N HIS A 422 1.55 18.49 -14.70
CA HIS A 422 2.30 19.62 -14.19
C HIS A 422 3.74 19.62 -14.70
N ASN A 423 4.20 18.48 -15.24
CA ASN A 423 5.57 18.33 -15.72
C ASN A 423 5.53 17.75 -17.13
N PRO A 424 5.07 18.54 -18.11
CA PRO A 424 4.89 18.03 -19.49
C PRO A 424 6.20 17.98 -20.27
N ILE A 425 7.18 17.27 -19.72
CA ILE A 425 8.53 17.28 -20.30
C ILE A 425 8.51 16.68 -21.70
N GLU A 426 9.50 17.09 -22.49
CA GLU A 426 9.69 16.58 -23.86
C GLU A 426 8.41 16.71 -24.68
N LYS A 427 7.81 17.91 -24.61
CA LYS A 427 6.59 18.22 -25.34
C LYS A 427 5.55 17.12 -25.16
N ASN A 428 5.39 16.69 -23.91
CA ASN A 428 4.37 15.74 -23.45
C ASN A 428 4.61 14.31 -23.92
N LEU A 429 5.84 13.97 -24.28
CA LEU A 429 6.15 12.59 -24.69
C LEU A 429 5.82 11.59 -23.58
N HIS A 430 6.27 11.88 -22.35
CA HIS A 430 5.98 10.97 -21.24
C HIS A 430 4.48 10.93 -20.96
N GLN A 431 3.81 12.09 -21.05
CA GLN A 431 2.39 12.17 -20.70
C GLN A 431 1.52 11.38 -21.67
N ARG A 432 1.83 11.44 -22.98
CA ARG A 432 1.07 10.63 -23.93
C ARG A 432 1.28 9.14 -23.67
N MET A 433 2.50 8.75 -23.32
CA MET A 433 2.75 7.34 -23.00
C MET A 433 1.98 6.92 -21.75
N LEU A 434 2.05 7.75 -20.70
CA LEU A 434 1.28 7.49 -19.49
C LEU A 434 -0.20 7.30 -19.81
N ALA A 435 -0.75 8.22 -20.60
CA ALA A 435 -2.18 8.17 -20.93
C ALA A 435 -2.52 6.90 -21.71
N SER A 436 -1.68 6.51 -22.67
CA SER A 436 -1.98 5.33 -23.48
C SER A 436 -2.08 4.08 -22.60
N ASN A 437 -1.30 4.03 -21.51
CA ASN A 437 -1.38 2.90 -20.60
C ASN A 437 -2.70 2.91 -19.82
N PHE A 438 -3.15 4.09 -19.40
CA PHE A 438 -4.44 4.25 -18.73
C PHE A 438 -5.58 3.69 -19.58
N PHE A 439 -5.64 4.06 -20.86
CA PHE A 439 -6.70 3.57 -21.72
C PHE A 439 -6.55 2.08 -21.99
N ALA A 440 -5.33 1.64 -22.28
CA ALA A 440 -5.13 0.27 -22.75
C ALA A 440 -5.34 -0.75 -21.65
N GLN A 441 -5.00 -0.42 -20.40
CA GLN A 441 -5.16 -1.36 -19.29
C GLN A 441 -6.63 -1.64 -19.01
N SER A 442 -7.45 -0.60 -18.93
CA SER A 442 -8.88 -0.84 -18.68
C SER A 442 -9.51 -1.55 -19.87
N GLU A 443 -9.08 -1.22 -21.10
CA GLU A 443 -9.57 -1.91 -22.28
C GLU A 443 -9.27 -3.41 -22.18
N ALA A 444 -8.02 -3.74 -21.86
CA ALA A 444 -7.62 -5.15 -21.82
C ALA A 444 -8.34 -5.92 -20.72
N LEU A 445 -8.54 -5.29 -19.55
CA LEU A 445 -9.27 -5.96 -18.48
C LEU A 445 -10.68 -6.28 -18.91
N MET A 446 -11.27 -5.47 -19.80
CA MET A 446 -12.62 -5.73 -20.27
CA MET A 446 -12.61 -5.72 -20.27
C MET A 446 -12.64 -6.77 -21.39
N VAL A 447 -11.77 -6.61 -22.39
CA VAL A 447 -11.88 -7.47 -23.57
C VAL A 447 -11.22 -8.83 -23.37
N GLY A 448 -10.16 -8.91 -22.57
CA GLY A 448 -9.52 -10.21 -22.43
C GLY A 448 -8.85 -10.69 -23.73
N LYS A 449 -8.58 -12.00 -23.77
CA LYS A 449 -7.92 -12.63 -24.91
C LYS A 449 -8.26 -14.11 -24.86
N ASP A 450 -9.06 -14.59 -25.82
CA ASP A 450 -9.61 -15.92 -25.70
C ASP A 450 -8.67 -16.97 -26.31
N GLU A 451 -9.09 -18.23 -26.23
CA GLU A 451 -8.26 -19.33 -26.70
CA GLU A 451 -8.26 -19.33 -26.70
C GLU A 451 -7.89 -19.17 -28.17
N ALA A 452 -8.86 -18.79 -29.01
CA ALA A 452 -8.59 -18.68 -30.44
C ALA A 452 -7.54 -17.62 -30.71
N LYS A 453 -7.58 -16.50 -29.99
CA LYS A 453 -6.61 -15.44 -30.23
C LYS A 453 -5.22 -15.84 -29.76
N VAL A 454 -5.14 -16.54 -28.62
CA VAL A 454 -3.85 -17.04 -28.17
C VAL A 454 -3.23 -17.97 -29.19
N LYS A 455 -4.06 -18.84 -29.79
CA LYS A 455 -3.58 -19.74 -30.83
C LYS A 455 -3.14 -18.98 -32.07
N ALA A 456 -3.93 -17.99 -32.50
CA ALA A 456 -3.56 -17.20 -33.68
C ALA A 456 -2.24 -16.47 -33.47
N GLU A 457 -1.94 -16.10 -32.22
CA GLU A 457 -0.69 -15.41 -31.88
C GLU A 457 0.50 -16.36 -31.75
N GLY A 458 0.30 -17.67 -31.89
CA GLY A 458 1.40 -18.60 -32.07
C GLY A 458 1.55 -19.66 -30.99
N ALA A 459 0.79 -19.61 -29.91
CA ALA A 459 0.91 -20.65 -28.87
C ALA A 459 0.21 -21.93 -29.32
N THR A 460 0.77 -23.06 -28.91
CA THR A 460 0.21 -24.36 -29.22
C THR A 460 0.21 -25.22 -27.97
N GLY A 461 -0.64 -26.26 -27.99
CA GLY A 461 -0.62 -27.26 -26.94
C GLY A 461 -0.87 -26.67 -25.57
N GLY A 462 -0.08 -27.13 -24.60
CA GLY A 462 -0.34 -26.79 -23.21
C GLY A 462 -0.05 -25.34 -22.85
N LEU A 463 0.73 -24.63 -23.67
CA LEU A 463 1.00 -23.23 -23.38
C LEU A 463 -0.26 -22.36 -23.50
N VAL A 464 -1.20 -22.77 -24.35
CA VAL A 464 -2.32 -21.89 -24.70
C VAL A 464 -3.08 -21.33 -23.48
N PRO A 465 -3.56 -22.15 -22.53
CA PRO A 465 -4.39 -21.57 -21.46
C PRO A 465 -3.64 -20.57 -20.59
N HIS A 466 -2.33 -20.73 -20.46
CA HIS A 466 -1.53 -19.83 -19.63
C HIS A 466 -1.54 -18.39 -20.16
N LYS A 467 -1.77 -18.22 -21.46
CA LYS A 467 -1.73 -16.89 -22.05
C LYS A 467 -3.12 -16.30 -22.30
N GLU A 468 -4.17 -16.98 -21.87
CA GLU A 468 -5.52 -16.45 -22.02
C GLU A 468 -5.85 -15.45 -20.91
N PHE A 469 -6.76 -14.53 -21.22
CA PHE A 469 -7.29 -13.56 -20.27
C PHE A 469 -8.81 -13.58 -20.36
N SER A 470 -9.47 -13.67 -19.20
CA SER A 470 -10.92 -13.83 -19.20
C SER A 470 -11.64 -12.60 -19.74
N GLY A 471 -11.09 -11.42 -19.50
CA GLY A 471 -11.86 -10.21 -19.73
C GLY A 471 -13.02 -10.13 -18.72
N ASN A 472 -13.90 -9.15 -18.96
CA ASN A 472 -15.02 -8.86 -18.08
C ASN A 472 -14.55 -8.61 -16.64
N ARG A 473 -13.36 -8.03 -16.52
CA ARG A 473 -12.85 -7.61 -15.22
C ARG A 473 -13.07 -6.11 -15.10
N PRO A 474 -13.83 -5.66 -14.10
CA PRO A 474 -14.38 -4.31 -14.15
C PRO A 474 -13.40 -3.23 -13.74
N THR A 475 -13.56 -2.07 -14.35
CA THR A 475 -12.84 -0.86 -13.96
C THR A 475 -13.78 0.32 -14.02
N THR A 476 -13.47 1.32 -13.20
CA THR A 476 -14.00 2.67 -13.29
C THR A 476 -12.85 3.58 -13.69
N SER A 477 -13.05 4.39 -14.73
CA SER A 477 -12.02 5.33 -15.18
C SER A 477 -12.43 6.74 -14.83
N ILE A 478 -11.55 7.45 -14.14
CA ILE A 478 -11.77 8.83 -13.72
C ILE A 478 -10.73 9.67 -14.42
N LEU A 479 -11.16 10.52 -15.34
CA LEU A 479 -10.28 11.38 -16.14
C LEU A 479 -10.50 12.83 -15.73
N ALA A 480 -9.51 13.42 -15.08
CA ALA A 480 -9.56 14.85 -14.78
C ALA A 480 -8.85 15.64 -15.87
N GLN A 481 -9.15 16.94 -15.94
CA GLN A 481 -8.36 17.81 -16.81
C GLN A 481 -6.96 18.00 -16.27
N LYS A 482 -6.84 18.24 -14.96
CA LYS A 482 -5.58 18.54 -14.30
C LYS A 482 -5.77 18.32 -12.82
N ILE A 483 -4.75 17.75 -12.15
CA ILE A 483 -4.86 17.62 -10.70
C ILE A 483 -4.47 18.95 -10.06
N THR A 484 -5.39 19.88 -10.08
CA THR A 484 -5.27 21.14 -9.36
C THR A 484 -5.71 20.94 -7.92
N PRO A 485 -5.45 21.91 -7.05
CA PRO A 485 -6.03 21.82 -5.69
C PRO A 485 -7.54 21.58 -5.72
N ALA A 486 -8.27 22.30 -6.58
CA ALA A 486 -9.72 22.13 -6.63
C ALA A 486 -10.09 20.72 -7.06
N THR A 487 -9.40 20.18 -8.07
CA THR A 487 -9.67 18.82 -8.52
C THR A 487 -9.40 17.81 -7.42
N LEU A 488 -8.28 17.95 -6.70
CA LEU A 488 -8.02 17.01 -5.61
C LEU A 488 -9.07 17.12 -4.52
N GLY A 489 -9.52 18.34 -4.21
CA GLY A 489 -10.59 18.49 -3.23
C GLY A 489 -11.85 17.74 -3.63
N SER A 490 -12.25 17.86 -4.90
CA SER A 490 -13.43 17.16 -5.37
C SER A 490 -13.22 15.64 -5.36
N LEU A 491 -12.00 15.18 -5.68
CA LEU A 491 -11.74 13.74 -5.72
C LEU A 491 -11.80 13.14 -4.33
N ILE A 492 -11.24 13.80 -3.32
CA ILE A 492 -11.33 13.24 -1.97
C ILE A 492 -12.78 13.23 -1.52
N ALA A 493 -13.50 14.32 -1.75
CA ALA A 493 -14.91 14.39 -1.34
C ALA A 493 -15.74 13.32 -2.04
N TYR A 494 -15.43 13.01 -3.30
CA TYR A 494 -16.10 11.90 -3.98
C TYR A 494 -15.94 10.62 -3.17
N TYR A 495 -14.73 10.31 -2.72
CA TYR A 495 -14.53 9.08 -1.96
C TYR A 495 -15.13 9.18 -0.56
N GLU A 496 -15.13 10.37 0.04
CA GLU A 496 -15.85 10.53 1.31
C GLU A 496 -17.32 10.18 1.16
N HIS A 497 -17.96 10.66 0.09
CA HIS A 497 -19.39 10.42 -0.03
C HIS A 497 -19.71 9.05 -0.63
N LEU A 498 -18.80 8.46 -1.40
CA LEU A 498 -18.93 7.04 -1.75
C LEU A 498 -18.92 6.19 -0.48
N THR A 499 -17.97 6.46 0.42
CA THR A 499 -17.88 5.79 1.71
C THR A 499 -19.15 5.99 2.53
N PHE A 500 -19.70 7.20 2.48
CA PHE A 500 -20.95 7.49 3.15
C PHE A 500 -22.06 6.59 2.63
N THR A 501 -22.15 6.48 1.30
CA THR A 501 -23.22 5.71 0.68
C THR A 501 -23.14 4.23 1.07
N GLU A 502 -21.94 3.66 1.02
CA GLU A 502 -21.75 2.28 1.47
C GLU A 502 -22.28 2.08 2.88
N GLY A 503 -21.81 2.93 3.81
CA GLY A 503 -22.20 2.75 5.21
C GLY A 503 -23.68 2.93 5.43
N ALA A 504 -24.32 3.81 4.66
CA ALA A 504 -25.75 4.02 4.83
C ALA A 504 -26.54 2.80 4.39
N ILE A 505 -26.10 2.14 3.31
CA ILE A 505 -26.78 0.93 2.86
C ILE A 505 -26.59 -0.20 3.86
N TRP A 506 -25.36 -0.38 4.35
CA TRP A 506 -25.09 -1.41 5.35
C TRP A 506 -25.67 -1.07 6.70
N ASN A 507 -26.11 0.18 6.90
CA ASN A 507 -26.74 0.65 8.14
C ASN A 507 -25.75 0.71 9.29
N ILE A 508 -24.47 0.91 8.99
CA ILE A 508 -23.44 1.01 10.01
C ILE A 508 -23.15 2.47 10.31
N ASN A 509 -22.42 2.72 11.40
CA ASN A 509 -21.97 4.06 11.75
C ASN A 509 -20.58 4.23 11.15
N SER A 510 -20.50 4.98 10.03
CA SER A 510 -19.24 5.16 9.34
C SER A 510 -18.27 6.10 10.06
N PHE A 511 -18.64 6.63 11.24
CA PHE A 511 -17.94 7.77 11.79
C PHE A 511 -17.33 7.56 13.17
N ASP A 512 -17.50 6.38 13.77
CA ASP A 512 -16.76 6.03 14.98
C ASP A 512 -15.59 5.11 14.59
N GLN A 513 -14.82 4.68 15.59
CA GLN A 513 -13.69 3.79 15.33
C GLN A 513 -13.25 3.12 16.64
N TRP A 514 -14.13 2.29 17.20
CA TRP A 514 -13.85 1.76 18.52
C TRP A 514 -12.63 0.82 18.53
N GLY A 515 -12.22 0.27 17.38
CA GLY A 515 -10.97 -0.47 17.32
C GLY A 515 -9.73 0.40 17.38
N VAL A 516 -9.74 1.58 16.75
CA VAL A 516 -8.54 2.41 16.95
C VAL A 516 -8.60 3.10 18.31
N GLU A 517 -9.79 3.35 18.86
CA GLU A 517 -9.84 3.85 20.23
C GLU A 517 -9.28 2.80 21.20
N LEU A 518 -9.65 1.53 21.01
CA LEU A 518 -9.06 0.47 21.83
C LEU A 518 -7.54 0.46 21.71
N GLY A 519 -7.03 0.54 20.47
CA GLY A 519 -5.59 0.46 20.28
C GLY A 519 -4.83 1.48 21.10
N LYS A 520 -5.42 2.65 21.31
CA LYS A 520 -4.73 3.72 22.02
C LYS A 520 -4.70 3.52 23.53
N VAL A 521 -5.37 2.49 24.06
CA VAL A 521 -5.29 2.15 25.47
C VAL A 521 -4.70 0.77 25.72
N LEU A 522 -4.35 0.02 24.68
CA LEU A 522 -3.91 -1.37 24.87
C LEU A 522 -2.49 -1.48 25.40
N ALA A 523 -1.59 -0.60 24.96
CA ALA A 523 -0.18 -0.90 25.09
C ALA A 523 0.38 -0.57 26.46
N LYS A 524 -0.34 0.24 27.24
CA LYS A 524 0.22 0.78 28.47
C LYS A 524 0.59 -0.31 29.46
N VAL A 525 -0.26 -1.34 29.58
CA VAL A 525 -0.01 -2.40 30.58
C VAL A 525 1.28 -3.12 30.25
N ILE A 526 1.49 -3.47 28.98
CA ILE A 526 2.73 -4.14 28.60
C ILE A 526 3.90 -3.18 28.64
N GLY A 527 3.67 -1.90 28.31
CA GLY A 527 4.73 -0.92 28.43
C GLY A 527 5.33 -0.89 29.82
N LYS A 528 4.49 -0.97 30.85
CA LYS A 528 5.01 -1.00 32.21
C LYS A 528 5.81 -2.27 32.47
N GLU A 529 5.42 -3.38 31.85
CA GLU A 529 6.16 -4.62 32.03
C GLU A 529 7.53 -4.59 31.35
N LEU A 530 7.72 -3.74 30.36
CA LEU A 530 9.02 -3.64 29.69
C LEU A 530 9.98 -2.73 30.42
N ASP A 531 9.64 -2.26 31.62
CA ASP A 531 10.56 -1.44 32.40
C ASP A 531 11.66 -2.24 33.07
N ASP A 532 11.58 -3.56 33.08
CA ASP A 532 12.63 -4.40 33.62
C ASP A 532 12.80 -5.64 32.75
N LYS A 533 13.77 -6.48 33.13
CA LYS A 533 14.12 -7.69 32.39
C LYS A 533 13.51 -8.96 32.99
N LYS A 534 12.63 -8.82 33.98
CA LYS A 534 12.04 -9.98 34.63
C LYS A 534 11.04 -10.66 33.70
N ALA A 535 11.07 -12.00 33.69
CA ALA A 535 10.14 -12.73 32.83
C ALA A 535 8.70 -12.48 33.26
N VAL A 536 7.80 -12.47 32.29
CA VAL A 536 6.40 -12.18 32.53
C VAL A 536 5.56 -13.44 32.35
N ALA A 537 4.50 -13.55 33.14
CA ALA A 537 3.57 -14.65 33.01
C ALA A 537 2.13 -14.19 33.13
N THR A 538 1.87 -12.92 32.85
CA THR A 538 0.58 -12.29 33.09
C THR A 538 -0.37 -12.35 31.89
N HIS A 539 0.06 -12.93 30.78
CA HIS A 539 -0.74 -13.01 29.57
C HIS A 539 -0.91 -14.47 29.13
N ASP A 540 -1.53 -14.64 27.97
CA ASP A 540 -1.48 -15.93 27.28
C ASP A 540 -0.03 -16.30 26.98
N ALA A 541 0.18 -17.59 26.66
CA ALA A 541 1.54 -18.11 26.53
C ALA A 541 2.29 -17.51 25.34
N SER A 542 1.57 -17.13 24.28
CA SER A 542 2.25 -16.50 23.14
C SER A 542 2.72 -15.10 23.50
N THR A 543 1.82 -14.27 24.04
CA THR A 543 2.21 -12.94 24.46
C THR A 543 3.35 -13.00 25.49
N ASN A 544 3.27 -13.94 26.45
CA ASN A 544 4.37 -14.10 27.40
C ASN A 544 5.66 -14.46 26.68
N GLY A 545 5.59 -15.45 25.78
CA GLY A 545 6.79 -15.93 25.11
C GLY A 545 7.45 -14.86 24.26
N LEU A 546 6.63 -14.06 23.57
CA LEU A 546 7.16 -12.96 22.76
C LEU A 546 7.80 -11.89 23.64
N ILE A 547 7.13 -11.50 24.73
CA ILE A 547 7.70 -10.50 25.63
C ILE A 547 9.01 -11.00 26.21
N ASN A 548 9.02 -12.25 26.67
CA ASN A 548 10.21 -12.77 27.34
C ASN A 548 11.37 -12.94 26.36
N GLN A 549 11.09 -13.33 25.12
CA GLN A 549 12.15 -13.41 24.13
C GLN A 549 12.69 -12.01 23.82
N PHE A 550 11.80 -11.03 23.76
CA PHE A 550 12.21 -9.64 23.55
C PHE A 550 13.11 -9.17 24.69
N LYS A 551 12.72 -9.45 25.93
CA LYS A 551 13.56 -9.02 27.06
C LYS A 551 14.95 -9.64 26.98
N GLU A 552 15.06 -10.87 26.47
CA GLU A 552 16.36 -11.51 26.35
C GLU A 552 17.19 -10.88 25.23
N TRP A 553 16.54 -10.36 24.19
CA TRP A 553 17.22 -9.85 23.00
C TRP A 553 17.35 -8.33 22.96
N GLU A 554 16.65 -7.58 23.80
CA GLU A 554 16.72 -6.14 23.71
C GLU A 554 18.09 -5.65 24.21
N GLU A 555 18.42 -4.43 23.83
CA GLU A 555 19.71 -3.83 24.15
C GLU A 555 19.91 -3.71 25.66
N MET B 6 6.87 -32.25 -16.40
CA MET B 6 5.44 -32.50 -16.35
C MET B 6 4.96 -32.68 -14.93
N ALA B 7 3.69 -32.36 -14.73
CA ALA B 7 3.08 -32.37 -13.41
C ALA B 7 2.67 -33.79 -13.01
N SER B 8 2.72 -34.05 -11.71
CA SER B 8 2.30 -35.34 -11.17
C SER B 8 0.82 -35.37 -10.81
N PHE B 9 0.14 -34.23 -10.80
CA PHE B 9 -1.30 -34.15 -10.57
C PHE B 9 -1.81 -32.93 -11.33
N LYS B 10 -3.14 -32.87 -11.49
CA LYS B 10 -3.73 -31.79 -12.30
C LYS B 10 -4.17 -30.60 -11.47
N LEU B 11 -5.00 -30.84 -10.45
CA LEU B 11 -5.59 -29.78 -9.63
C LEU B 11 -5.34 -30.06 -8.15
N ALA B 12 -5.19 -28.98 -7.37
CA ALA B 12 -5.06 -29.16 -5.93
C ALA B 12 -6.22 -29.95 -5.34
N THR B 13 -7.42 -29.82 -5.93
CA THR B 13 -8.56 -30.58 -5.43
C THR B 13 -8.48 -32.07 -5.75
N ASP B 14 -7.54 -32.49 -6.59
CA ASP B 14 -7.27 -33.90 -6.81
C ASP B 14 -6.45 -34.53 -5.71
N LEU B 15 -5.82 -33.74 -4.87
CA LEU B 15 -5.02 -34.32 -3.81
C LEU B 15 -5.95 -34.86 -2.72
N PRO B 16 -5.79 -36.11 -2.30
CA PRO B 16 -6.77 -36.69 -1.36
C PRO B 16 -6.90 -35.92 -0.07
N GLU B 17 -5.83 -35.28 0.42
CA GLU B 17 -5.94 -34.56 1.67
C GLU B 17 -6.77 -33.30 1.55
N TRP B 18 -7.00 -32.79 0.33
CA TRP B 18 -7.79 -31.58 0.17
C TRP B 18 -9.19 -31.75 0.72
N LYS B 19 -9.86 -32.86 0.38
CA LYS B 19 -11.22 -33.03 0.90
C LYS B 19 -11.20 -33.36 2.39
N LYS B 20 -10.14 -33.99 2.88
CA LYS B 20 -10.01 -34.18 4.32
C LYS B 20 -9.90 -32.85 5.04
N LEU B 21 -9.13 -31.91 4.47
CA LEU B 21 -9.05 -30.58 5.06
C LEU B 21 -10.38 -29.86 5.00
N GLU B 22 -11.17 -30.09 3.96
CA GLU B 22 -12.51 -29.53 3.92
C GLU B 22 -13.36 -30.05 5.07
N GLU B 23 -13.25 -31.34 5.38
CA GLU B 23 -13.98 -31.90 6.52
C GLU B 23 -13.48 -31.32 7.84
N THR B 24 -12.16 -31.18 7.98
CA THR B 24 -11.63 -30.63 9.21
C THR B 24 -12.03 -29.17 9.38
N TYR B 25 -12.07 -28.41 8.28
CA TYR B 25 -12.53 -27.03 8.37
C TYR B 25 -13.95 -26.97 8.94
N LYS B 26 -14.85 -27.79 8.40
CA LYS B 26 -16.23 -27.74 8.89
C LYS B 26 -16.31 -28.15 10.35
N SER B 27 -15.54 -29.15 10.77
CA SER B 27 -15.72 -29.69 12.11
C SER B 27 -14.92 -28.95 13.18
N VAL B 28 -13.75 -28.41 12.83
CA VAL B 28 -12.80 -27.90 13.81
C VAL B 28 -12.34 -26.49 13.45
N GLY B 29 -12.16 -26.22 12.15
CA GLY B 29 -11.52 -25.00 11.72
C GLY B 29 -12.39 -23.76 11.76
N GLU B 30 -13.61 -23.86 11.20
CA GLU B 30 -14.44 -22.67 11.03
C GLU B 30 -14.68 -21.95 12.35
N LYS B 31 -14.96 -22.70 13.42
CA LYS B 31 -15.27 -22.10 14.71
C LYS B 31 -14.09 -22.17 15.67
N PHE B 32 -12.88 -22.28 15.14
CA PHE B 32 -11.70 -22.49 15.97
C PHE B 32 -11.56 -21.37 17.01
N SER B 33 -11.33 -21.76 18.26
CA SER B 33 -11.09 -20.83 19.36
C SER B 33 -9.62 -20.92 19.74
N VAL B 34 -8.87 -19.85 19.45
CA VAL B 34 -7.46 -19.82 19.85
C VAL B 34 -7.34 -19.81 21.37
N ARG B 35 -8.22 -19.06 22.03
CA ARG B 35 -8.27 -19.05 23.49
C ARG B 35 -8.39 -20.47 24.05
N ASP B 36 -9.36 -21.24 23.52
CA ASP B 36 -9.51 -22.63 23.94
C ASP B 36 -8.25 -23.44 23.64
N ALA B 37 -7.60 -23.16 22.50
CA ALA B 37 -6.42 -23.93 22.12
C ALA B 37 -5.30 -23.77 23.15
N PHE B 38 -5.07 -22.54 23.61
CA PHE B 38 -4.05 -22.33 24.64
C PHE B 38 -4.44 -22.99 25.95
N ALA B 39 -5.73 -22.93 26.28
CA ALA B 39 -6.20 -23.55 27.52
C ALA B 39 -6.04 -25.06 27.49
N LYS B 40 -6.21 -25.67 26.33
CA LYS B 40 -6.09 -27.12 26.18
C LYS B 40 -4.65 -27.60 26.15
N ASP B 41 -3.71 -26.74 25.78
CA ASP B 41 -2.36 -27.16 25.42
C ASP B 41 -1.36 -26.21 26.05
N PRO B 42 -0.86 -26.53 27.26
CA PRO B 42 0.06 -25.61 27.94
C PRO B 42 1.37 -25.40 27.21
N LYS B 43 1.69 -26.21 26.21
CA LYS B 43 2.92 -26.08 25.45
C LYS B 43 2.68 -25.52 24.04
N ARG B 44 1.54 -24.87 23.84
CA ARG B 44 1.17 -24.42 22.50
C ARG B 44 2.19 -23.43 21.94
N PHE B 45 2.64 -22.47 22.75
CA PHE B 45 3.62 -21.51 22.23
C PHE B 45 4.89 -22.22 21.77
N GLU B 46 5.37 -23.17 22.58
CA GLU B 46 6.56 -23.93 22.22
C GLU B 46 6.33 -24.74 20.95
N GLU B 47 5.14 -25.33 20.81
CA GLU B 47 4.89 -26.23 19.68
C GLU B 47 4.67 -25.48 18.37
N PHE B 48 4.19 -24.24 18.41
CA PHE B 48 3.86 -23.51 17.19
C PHE B 48 4.71 -22.25 17.01
N SER B 49 5.88 -22.20 17.64
CA SER B 49 6.87 -21.19 17.34
C SER B 49 8.19 -21.88 17.02
N TRP B 50 8.97 -21.25 16.15
CA TRP B 50 10.27 -21.77 15.76
C TRP B 50 11.31 -20.66 15.78
N ILE B 51 12.50 -20.98 16.31
CA ILE B 51 13.63 -20.06 16.25
C ILE B 51 14.47 -20.40 15.03
N TYR B 52 14.59 -19.46 14.12
CA TYR B 52 15.51 -19.56 13.00
C TYR B 52 16.87 -19.00 13.41
N LYS B 53 17.94 -19.77 13.15
CA LYS B 53 19.29 -19.30 13.45
C LYS B 53 19.99 -18.98 12.13
N ASN B 54 20.41 -17.72 11.96
CA ASN B 54 21.04 -17.25 10.74
C ASN B 54 22.51 -17.70 10.70
N TYR B 55 23.16 -17.45 9.55
CA TYR B 55 24.54 -17.91 9.37
C TYR B 55 25.50 -17.25 10.35
N ASP B 56 25.15 -16.05 10.83
CA ASP B 56 25.99 -15.26 11.72
C ASP B 56 25.61 -15.45 13.17
N ASP B 57 24.82 -16.48 13.48
CA ASP B 57 24.36 -16.87 14.80
C ASP B 57 23.31 -15.92 15.36
N SER B 58 22.88 -14.90 14.60
CA SER B 58 21.72 -14.12 15.02
C SER B 58 20.45 -14.95 14.80
N LYS B 59 19.35 -14.48 15.39
CA LYS B 59 18.16 -15.31 15.46
C LYS B 59 16.90 -14.52 15.11
N ILE B 60 15.90 -15.24 14.62
CA ILE B 60 14.56 -14.70 14.38
C ILE B 60 13.55 -15.69 14.94
N LEU B 61 12.63 -15.21 15.76
CA LEU B 61 11.55 -16.03 16.30
C LEU B 61 10.33 -15.89 15.39
N PHE B 62 9.84 -17.02 14.88
CA PHE B 62 8.60 -17.09 14.09
C PHE B 62 7.54 -17.72 14.97
N ASP B 63 6.57 -16.93 15.45
CA ASP B 63 5.54 -17.42 16.35
C ASP B 63 4.22 -17.50 15.59
N PHE B 64 3.79 -18.73 15.27
CA PHE B 64 2.54 -18.96 14.57
C PHE B 64 1.39 -19.32 15.52
N SER B 65 1.60 -19.26 16.84
CA SER B 65 0.66 -19.88 17.78
C SER B 65 -0.65 -19.11 17.95
N LYS B 66 -0.76 -17.87 17.46
CA LYS B 66 -2.06 -17.20 17.50
C LYS B 66 -2.88 -17.45 16.23
N ASN B 67 -2.45 -18.37 15.38
CA ASN B 67 -3.20 -18.71 14.18
C ASN B 67 -4.29 -19.74 14.49
N LEU B 68 -5.21 -19.89 13.53
CA LEU B 68 -6.33 -20.83 13.65
C LEU B 68 -5.86 -22.22 13.22
N VAL B 69 -5.00 -22.80 14.06
CA VAL B 69 -4.30 -24.03 13.70
C VAL B 69 -4.04 -24.81 14.99
N ASN B 70 -4.02 -26.13 14.87
CA ASN B 70 -3.60 -26.99 15.96
C ASN B 70 -2.84 -28.18 15.34
N LYS B 71 -2.48 -29.15 16.17
CA LYS B 71 -1.68 -30.28 15.69
C LYS B 71 -2.39 -31.02 14.56
N GLU B 72 -3.68 -31.29 14.71
CA GLU B 72 -4.41 -32.02 13.67
C GLU B 72 -4.39 -31.26 12.35
N ILE B 73 -4.72 -29.97 12.39
CA ILE B 73 -4.80 -29.18 11.17
C ILE B 73 -3.44 -29.10 10.51
N LEU B 74 -2.40 -28.81 11.30
CA LEU B 74 -1.07 -28.66 10.72
C LEU B 74 -0.58 -29.98 10.14
N ASP B 75 -0.86 -31.08 10.83
CA ASP B 75 -0.46 -32.38 10.31
C ASP B 75 -1.10 -32.66 8.96
N GLN B 76 -2.37 -32.29 8.81
CA GLN B 76 -3.05 -32.50 7.54
C GLN B 76 -2.51 -31.57 6.45
N LEU B 77 -2.19 -30.32 6.80
CA LEU B 77 -1.60 -29.42 5.81
C LEU B 77 -0.24 -29.95 5.35
N VAL B 78 0.55 -30.51 6.27
CA VAL B 78 1.83 -31.10 5.89
C VAL B 78 1.61 -32.29 4.96
N THR B 79 0.62 -33.13 5.25
CA THR B 79 0.29 -34.23 4.35
C THR B 79 -0.10 -33.71 2.96
N LEU B 80 -0.88 -32.63 2.90
CA LEU B 80 -1.20 -32.02 1.62
C LEU B 80 0.06 -31.58 0.87
N ALA B 81 1.03 -31.00 1.59
CA ALA B 81 2.27 -30.57 0.93
C ALA B 81 3.04 -31.77 0.39
N LYS B 82 3.02 -32.89 1.13
CA LYS B 82 3.67 -34.10 0.62
C LYS B 82 2.97 -34.61 -0.63
N GLU B 83 1.63 -34.62 -0.62
CA GLU B 83 0.89 -35.10 -1.79
C GLU B 83 1.12 -34.21 -3.01
N ALA B 84 1.29 -32.91 -2.78
CA ALA B 84 1.51 -31.94 -3.84
C ALA B 84 2.94 -31.96 -4.38
N GLY B 85 3.84 -32.70 -3.74
CA GLY B 85 5.23 -32.72 -4.19
C GLY B 85 5.95 -31.40 -4.01
N VAL B 86 5.66 -30.68 -2.93
CA VAL B 86 6.39 -29.44 -2.65
C VAL B 86 7.89 -29.71 -2.63
N GLU B 87 8.30 -30.80 -1.96
CA GLU B 87 9.72 -31.09 -1.84
C GLU B 87 10.34 -31.42 -3.20
N LYS B 88 9.64 -32.21 -4.02
CA LYS B 88 10.15 -32.53 -5.36
C LYS B 88 10.33 -31.27 -6.21
N LEU B 89 9.33 -30.39 -6.22
CA LEU B 89 9.46 -29.17 -7.02
C LEU B 89 10.56 -28.26 -6.46
N ARG B 90 10.66 -28.17 -5.13
CA ARG B 90 11.75 -27.38 -4.54
C ARG B 90 13.10 -27.92 -4.95
N ASP B 91 13.30 -29.22 -4.84
CA ASP B 91 14.58 -29.81 -5.19
C ASP B 91 14.91 -29.57 -6.65
N ALA B 92 13.89 -29.61 -7.51
CA ALA B 92 14.08 -29.30 -8.93
C ALA B 92 14.50 -27.86 -9.15
N MET B 93 13.89 -26.93 -8.40
CA MET B 93 14.32 -25.54 -8.48
C MET B 93 15.80 -25.40 -8.14
N PHE B 94 16.23 -26.02 -7.03
CA PHE B 94 17.63 -25.91 -6.60
C PHE B 94 18.58 -26.66 -7.53
N ALA B 95 18.06 -27.62 -8.30
CA ALA B 95 18.87 -28.38 -9.25
C ALA B 95 19.04 -27.65 -10.58
N GLY B 96 18.40 -26.51 -10.76
CA GLY B 96 18.51 -25.79 -12.02
C GLY B 96 17.56 -26.25 -13.10
N ASP B 97 16.61 -27.13 -12.78
CA ASP B 97 15.65 -27.60 -13.77
C ASP B 97 14.76 -26.44 -14.22
N HIS B 98 14.21 -26.56 -15.44
CA HIS B 98 13.42 -25.50 -16.06
C HIS B 98 11.98 -25.56 -15.55
N ILE B 99 11.81 -25.27 -14.26
CA ILE B 99 10.47 -25.38 -13.67
C ILE B 99 9.58 -24.20 -14.02
N ASN B 100 10.13 -23.15 -14.64
CA ASN B 100 9.31 -22.11 -15.28
C ASN B 100 8.91 -22.66 -16.65
N THR B 101 7.83 -23.44 -16.66
CA THR B 101 7.51 -24.27 -17.81
C THR B 101 7.07 -23.44 -19.01
N THR B 102 6.32 -22.36 -18.78
CA THR B 102 5.74 -21.61 -19.91
C THR B 102 6.76 -20.76 -20.65
N GLU B 103 7.85 -20.37 -19.99
CA GLU B 103 8.96 -19.68 -20.65
C GLU B 103 10.16 -20.59 -20.87
N ASP B 104 10.07 -21.85 -20.44
CA ASP B 104 11.16 -22.83 -20.52
C ASP B 104 12.47 -22.27 -19.95
N ARG B 105 12.41 -21.92 -18.67
CA ARG B 105 13.54 -21.29 -17.99
C ARG B 105 13.77 -21.96 -16.64
N ALA B 106 15.03 -21.98 -16.21
CA ALA B 106 15.31 -22.27 -14.83
C ALA B 106 14.81 -21.13 -13.94
N VAL B 107 14.73 -21.41 -12.65
CA VAL B 107 14.26 -20.46 -11.64
C VAL B 107 15.36 -20.46 -10.58
N TYR B 108 16.30 -19.52 -10.68
CA TYR B 108 17.55 -19.75 -9.98
C TYR B 108 18.02 -18.50 -9.24
N HIS B 109 17.08 -17.74 -8.68
CA HIS B 109 17.49 -16.70 -7.74
C HIS B 109 18.28 -17.28 -6.58
N VAL B 110 18.03 -18.54 -6.19
CA VAL B 110 18.84 -19.10 -5.11
C VAL B 110 20.32 -19.17 -5.50
N ALA B 111 20.63 -19.24 -6.79
CA ALA B 111 22.02 -19.27 -7.21
C ALA B 111 22.71 -17.92 -7.09
N LEU B 112 21.94 -16.82 -7.02
CA LEU B 112 22.53 -15.50 -6.94
C LEU B 112 23.23 -15.28 -5.60
N ARG B 113 22.73 -15.92 -4.53
CA ARG B 113 23.28 -15.73 -3.19
C ARG B 113 24.09 -16.94 -2.75
N ASN B 114 24.58 -17.72 -3.70
CA ASN B 114 25.41 -18.90 -3.46
C ASN B 114 26.84 -18.51 -3.08
N ARG B 115 26.97 -17.81 -1.94
CA ARG B 115 28.29 -17.35 -1.53
C ARG B 115 29.18 -18.49 -1.10
N ALA B 116 28.59 -19.62 -0.68
CA ALA B 116 29.38 -20.80 -0.39
C ALA B 116 30.02 -21.41 -1.63
N LEU B 117 29.59 -20.99 -2.82
CA LEU B 117 30.09 -21.51 -4.09
C LEU B 117 29.83 -23.01 -4.22
N ARG B 118 28.66 -23.44 -3.77
CA ARG B 118 28.19 -24.79 -4.09
C ARG B 118 28.04 -24.93 -5.60
N LYS B 119 28.12 -26.18 -6.07
CA LYS B 119 27.80 -26.44 -7.47
C LYS B 119 26.31 -26.26 -7.70
N MET B 120 25.96 -25.31 -8.55
CA MET B 120 24.56 -24.97 -8.83
CA MET B 120 24.57 -24.96 -8.82
C MET B 120 24.43 -24.79 -10.33
N PRO B 121 24.11 -25.88 -11.06
CA PRO B 121 24.18 -25.83 -12.53
C PRO B 121 22.85 -25.51 -13.22
N VAL B 122 22.92 -24.74 -14.31
CA VAL B 122 21.81 -24.59 -15.25
C VAL B 122 22.28 -25.18 -16.57
N ASP B 123 21.43 -26.01 -17.19
CA ASP B 123 21.79 -26.68 -18.44
C ASP B 123 23.11 -27.45 -18.29
N GLY B 124 23.33 -28.01 -17.10
CA GLY B 124 24.49 -28.85 -16.85
C GLY B 124 25.79 -28.11 -16.60
N LYS B 125 25.76 -26.78 -16.49
CA LYS B 125 26.95 -25.96 -16.31
C LYS B 125 26.82 -25.15 -15.03
N ASP B 126 27.78 -25.33 -14.13
CA ASP B 126 27.80 -24.62 -12.85
C ASP B 126 27.71 -23.12 -13.07
N THR B 127 26.85 -22.45 -12.30
CA THR B 127 26.70 -21.01 -12.33
C THR B 127 27.54 -20.27 -11.30
N ALA B 128 28.19 -20.99 -10.37
CA ALA B 128 28.78 -20.35 -9.21
C ALA B 128 29.78 -19.27 -9.61
N GLN B 129 30.69 -19.60 -10.54
CA GLN B 129 31.76 -18.65 -10.87
C GLN B 129 31.20 -17.45 -11.61
N GLU B 130 30.26 -17.70 -12.53
CA GLU B 130 29.68 -16.61 -13.30
CA GLU B 130 29.69 -16.60 -13.30
C GLU B 130 28.97 -15.61 -12.38
N VAL B 131 28.23 -16.11 -11.39
CA VAL B 131 27.55 -15.23 -10.43
C VAL B 131 28.58 -14.48 -9.60
N ASP B 132 29.57 -15.20 -9.10
CA ASP B 132 30.61 -14.61 -8.26
C ASP B 132 31.38 -13.53 -9.03
N ASP B 133 31.61 -13.73 -10.33
CA ASP B 133 32.35 -12.75 -11.11
C ASP B 133 31.59 -11.44 -11.24
N VAL B 134 30.26 -11.51 -11.38
CA VAL B 134 29.48 -10.26 -11.41
C VAL B 134 29.56 -9.58 -10.05
N LEU B 135 29.48 -10.36 -8.97
CA LEU B 135 29.57 -9.76 -7.65
C LEU B 135 30.92 -9.10 -7.43
N LYS B 136 31.98 -9.69 -7.97
CA LYS B 136 33.30 -9.05 -7.84
C LYS B 136 33.34 -7.74 -8.61
N HIS B 137 32.74 -7.70 -9.80
CA HIS B 137 32.62 -6.44 -10.53
C HIS B 137 31.82 -5.42 -9.73
N MET B 138 30.70 -5.85 -9.13
CA MET B 138 29.90 -4.97 -8.29
C MET B 138 30.69 -4.46 -7.10
N LYS B 139 31.51 -5.31 -6.49
CA LYS B 139 32.30 -4.87 -5.35
C LYS B 139 33.33 -3.84 -5.78
N GLU B 140 34.03 -4.10 -6.88
CA GLU B 140 35.05 -3.16 -7.37
CA GLU B 140 35.05 -3.16 -7.35
C GLU B 140 34.43 -1.81 -7.70
N PHE B 141 33.35 -1.82 -8.47
CA PHE B 141 32.71 -0.58 -8.90
C PHE B 141 32.13 0.19 -7.72
N SER B 142 31.38 -0.50 -6.85
CA SER B 142 30.76 0.20 -5.74
C SER B 142 31.82 0.74 -4.76
N ASP B 143 32.90 -0.02 -4.54
CA ASP B 143 34.00 0.52 -3.74
C ASP B 143 34.54 1.81 -4.33
N SER B 144 34.69 1.85 -5.67
CA SER B 144 35.28 3.03 -6.29
CA SER B 144 35.27 3.02 -6.32
C SER B 144 34.34 4.21 -6.26
N ILE B 145 33.02 4.00 -6.30
CA ILE B 145 32.10 5.12 -6.13
C ILE B 145 32.21 5.66 -4.71
N ARG B 146 32.23 4.75 -3.74
CA ARG B 146 32.16 5.12 -2.33
C ARG B 146 33.47 5.77 -1.85
N ASP B 147 34.62 5.33 -2.35
CA ASP B 147 35.87 5.94 -1.90
C ASP B 147 36.29 7.13 -2.77
N GLY B 148 35.48 7.51 -3.75
CA GLY B 148 35.73 8.72 -4.51
C GLY B 148 36.69 8.58 -5.67
N SER B 149 37.25 7.39 -5.91
CA SER B 149 38.20 7.21 -7.00
C SER B 149 37.53 7.16 -8.36
N TRP B 150 36.26 6.77 -8.44
CA TRP B 150 35.49 6.92 -9.66
C TRP B 150 34.94 8.34 -9.68
N THR B 151 35.43 9.15 -10.60
CA THR B 151 35.03 10.56 -10.68
C THR B 151 34.22 10.83 -11.94
N GLY B 152 33.42 11.89 -11.87
CA GLY B 152 32.63 12.34 -12.99
C GLY B 152 33.47 13.09 -14.02
N TYR B 153 32.78 13.63 -15.03
CA TYR B 153 33.48 14.15 -16.20
C TYR B 153 34.24 15.44 -15.91
N THR B 154 33.94 16.14 -14.82
CA THR B 154 34.75 17.28 -14.40
C THR B 154 35.71 16.91 -13.27
N GLY B 155 35.81 15.63 -12.93
CA GLY B 155 36.77 15.17 -11.94
C GLY B 155 36.28 15.13 -10.52
N LYS B 156 34.97 15.28 -10.28
CA LYS B 156 34.41 15.24 -8.93
C LYS B 156 33.93 13.84 -8.55
N SER B 157 34.00 13.55 -7.26
CA SER B 157 33.42 12.31 -6.75
C SER B 157 31.90 12.29 -6.91
N ILE B 158 31.34 11.09 -7.00
CA ILE B 158 29.90 10.93 -7.16
C ILE B 158 29.21 11.14 -5.82
N THR B 159 28.13 11.92 -5.83
CA THR B 159 27.35 12.19 -4.62
C THR B 159 25.94 11.62 -4.70
N ASP B 160 25.45 11.31 -5.90
CA ASP B 160 24.08 10.88 -6.09
C ASP B 160 24.03 9.78 -7.12
N VAL B 161 23.33 8.70 -6.81
CA VAL B 161 23.16 7.55 -7.69
C VAL B 161 21.66 7.42 -7.97
N VAL B 162 21.29 7.39 -9.25
CA VAL B 162 19.90 7.33 -9.67
C VAL B 162 19.69 6.00 -10.39
N ASN B 163 18.85 5.13 -9.80
CA ASN B 163 18.44 3.91 -10.46
C ASN B 163 17.24 4.22 -11.36
N ILE B 164 17.29 3.78 -12.60
CA ILE B 164 16.17 3.96 -13.53
C ILE B 164 15.71 2.58 -13.96
N GLY B 165 14.48 2.24 -13.61
CA GLY B 165 13.91 0.94 -13.95
C GLY B 165 12.53 0.86 -13.35
N ILE B 166 11.81 -0.21 -13.67
CA ILE B 166 10.43 -0.33 -13.21
C ILE B 166 10.14 -1.77 -12.81
N GLY B 167 9.15 -1.93 -11.94
CA GLY B 167 8.75 -3.26 -11.50
C GLY B 167 9.86 -3.94 -10.72
N GLY B 168 10.20 -5.16 -11.14
CA GLY B 168 11.27 -5.88 -10.48
C GLY B 168 12.62 -5.19 -10.56
N SER B 169 12.80 -4.27 -11.49
CA SER B 169 14.05 -3.54 -11.61
C SER B 169 14.05 -2.26 -10.79
N ASP B 170 13.03 -2.05 -9.95
CA ASP B 170 12.88 -0.83 -9.15
C ASP B 170 12.60 -1.14 -7.69
N LEU B 171 11.60 -1.99 -7.43
CA LEU B 171 11.02 -1.99 -6.09
C LEU B 171 11.94 -2.64 -5.05
N GLY B 172 12.73 -3.64 -5.45
CA GLY B 172 13.73 -4.20 -4.57
C GLY B 172 14.76 -3.17 -4.13
N PRO B 173 15.40 -2.53 -5.10
CA PRO B 173 16.33 -1.42 -4.76
C PRO B 173 15.69 -0.37 -3.86
N VAL B 174 14.46 0.05 -4.14
CA VAL B 174 13.78 1.03 -3.28
C VAL B 174 13.62 0.48 -1.87
N MET B 175 13.02 -0.71 -1.75
CA MET B 175 12.68 -1.23 -0.43
C MET B 175 13.92 -1.51 0.40
N VAL B 176 14.96 -2.07 -0.23
CA VAL B 176 16.13 -2.51 0.53
C VAL B 176 16.99 -1.32 0.94
N THR B 177 17.15 -0.32 0.06
CA THR B 177 17.88 0.87 0.49
C THR B 177 17.16 1.60 1.61
N GLU B 178 15.82 1.65 1.56
CA GLU B 178 15.06 2.21 2.69
C GLU B 178 15.26 1.37 3.94
N ALA B 179 15.13 0.04 3.82
CA ALA B 179 15.19 -0.84 4.98
C ALA B 179 16.54 -0.81 5.67
N LEU B 180 17.62 -0.65 4.89
CA LEU B 180 18.97 -0.69 5.42
C LEU B 180 19.62 0.70 5.42
N LYS B 181 18.80 1.75 5.42
CA LYS B 181 19.30 3.12 5.35
C LYS B 181 20.23 3.46 6.52
N ALA B 182 20.08 2.81 7.67
CA ALA B 182 20.99 3.07 8.79
C ALA B 182 22.43 2.76 8.44
N TYR B 183 22.66 1.94 7.41
CA TYR B 183 23.99 1.51 7.00
C TYR B 183 24.58 2.39 5.90
N SER B 184 23.90 3.47 5.54
CA SER B 184 24.38 4.39 4.52
C SER B 184 25.32 5.41 5.14
N LYS B 185 25.86 6.30 4.30
CA LYS B 185 26.77 7.30 4.83
C LYS B 185 26.34 8.67 4.34
N PRO B 186 26.56 9.72 5.14
CA PRO B 186 26.21 11.07 4.70
C PRO B 186 26.98 11.43 3.44
N GLY B 187 26.30 12.13 2.54
CA GLY B 187 26.94 12.62 1.34
C GLY B 187 26.87 11.69 0.14
N LEU B 188 26.35 10.47 0.30
CA LEU B 188 26.16 9.56 -0.82
C LEU B 188 24.72 9.08 -0.80
N ASN B 189 23.91 9.60 -1.72
CA ASN B 189 22.48 9.40 -1.72
C ASN B 189 22.01 8.62 -2.94
N VAL B 190 20.92 7.88 -2.78
CA VAL B 190 20.33 7.09 -3.85
CA VAL B 190 20.34 7.11 -3.87
C VAL B 190 18.94 7.63 -4.16
N HIS B 191 18.57 7.59 -5.44
CA HIS B 191 17.28 8.06 -5.92
C HIS B 191 16.78 7.09 -6.98
N PHE B 192 15.49 7.17 -7.28
CA PHE B 192 14.83 6.19 -8.13
C PHE B 192 13.88 6.89 -9.08
N ILE B 193 14.03 6.61 -10.37
CA ILE B 193 13.07 7.00 -11.40
C ILE B 193 12.48 5.71 -11.96
N SER B 194 11.15 5.62 -11.98
CA SER B 194 10.53 4.38 -12.42
C SER B 194 9.29 4.63 -13.27
N ASN B 195 8.39 5.47 -12.77
CA ASN B 195 7.16 5.76 -13.51
C ASN B 195 7.48 6.42 -14.85
N ILE B 196 6.70 6.09 -15.88
CA ILE B 196 6.82 6.85 -17.12
C ILE B 196 6.31 8.28 -16.94
N ASP B 197 5.39 8.50 -16.00
CA ASP B 197 4.93 9.86 -15.70
C ASP B 197 6.13 10.79 -15.59
N GLY B 198 6.14 11.84 -16.43
CA GLY B 198 7.25 12.78 -16.47
C GLY B 198 7.53 13.45 -15.15
N THR B 199 6.54 13.53 -14.27
CA THR B 199 6.77 14.01 -12.91
C THR B 199 7.94 13.29 -12.24
N HIS B 200 8.03 11.97 -12.42
CA HIS B 200 9.09 11.25 -11.71
C HIS B 200 10.47 11.69 -12.17
N THR B 201 10.64 11.89 -13.47
CA THR B 201 11.92 12.39 -13.98
C THR B 201 12.19 13.81 -13.49
N ALA B 202 11.21 14.71 -13.64
CA ALA B 202 11.43 16.12 -13.32
C ALA B 202 11.73 16.32 -11.85
N GLU B 203 10.95 15.70 -10.97
CA GLU B 203 11.16 15.91 -9.54
C GLU B 203 12.46 15.28 -9.05
N THR B 204 12.83 14.11 -9.57
CA THR B 204 14.04 13.46 -9.08
C THR B 204 15.29 14.22 -9.48
N LEU B 205 15.31 14.78 -10.69
CA LEU B 205 16.53 15.39 -11.19
C LEU B 205 16.66 16.87 -10.85
N LYS B 206 15.62 17.50 -10.29
CA LYS B 206 15.57 18.96 -10.28
C LYS B 206 16.70 19.57 -9.47
N ASN B 207 17.17 18.91 -8.41
CA ASN B 207 18.22 19.46 -7.56
C ASN B 207 19.54 18.72 -7.70
N LEU B 208 19.68 17.81 -8.67
CA LEU B 208 20.90 17.04 -8.82
C LEU B 208 21.87 17.70 -9.80
N ASN B 209 23.16 17.43 -9.60
CA ASN B 209 24.23 17.98 -10.44
C ASN B 209 24.69 16.93 -11.43
N PRO B 210 24.57 17.16 -12.74
CA PRO B 210 25.10 16.19 -13.71
C PRO B 210 26.55 15.81 -13.47
N GLU B 211 27.36 16.74 -12.94
CA GLU B 211 28.78 16.46 -12.71
C GLU B 211 29.01 15.39 -11.64
N THR B 212 28.06 15.21 -10.72
CA THR B 212 28.26 14.31 -9.58
C THR B 212 27.15 13.27 -9.46
N THR B 213 26.42 13.01 -10.55
CA THR B 213 25.33 12.05 -10.55
C THR B 213 25.65 10.86 -11.45
N LEU B 214 25.47 9.65 -10.92
CA LEU B 214 25.66 8.39 -11.63
C LEU B 214 24.30 7.75 -11.87
N PHE B 215 24.05 7.28 -13.09
CA PHE B 215 22.82 6.60 -13.43
C PHE B 215 23.07 5.10 -13.60
N LEU B 216 22.19 4.28 -13.03
CA LEU B 216 22.15 2.85 -13.28
C LEU B 216 20.86 2.57 -14.04
N ILE B 217 20.97 2.11 -15.28
CA ILE B 217 19.78 1.76 -16.06
C ILE B 217 19.53 0.27 -15.81
N ALA B 218 18.46 -0.02 -15.08
CA ALA B 218 18.17 -1.36 -14.58
C ALA B 218 17.04 -1.94 -15.42
N SER B 219 17.36 -2.97 -16.21
CA SER B 219 16.37 -3.55 -17.10
C SER B 219 16.86 -4.91 -17.56
N LYS B 220 16.16 -5.96 -17.15
CA LYS B 220 16.49 -7.31 -17.60
C LYS B 220 16.56 -7.39 -19.11
N THR B 221 15.50 -6.95 -19.80
CA THR B 221 15.46 -7.00 -21.26
C THR B 221 16.23 -5.86 -21.92
N PHE B 222 16.34 -4.72 -21.24
CA PHE B 222 16.82 -3.47 -21.81
C PHE B 222 15.98 -3.02 -23.01
N THR B 223 14.70 -3.40 -23.03
CA THR B 223 13.78 -2.90 -24.05
C THR B 223 12.50 -2.30 -23.48
N THR B 224 12.30 -2.35 -22.16
CA THR B 224 11.06 -1.88 -21.57
C THR B 224 10.82 -0.41 -21.92
N ALA B 225 9.59 -0.12 -22.39
CA ALA B 225 9.26 1.22 -22.89
C ALA B 225 9.54 2.31 -21.85
N GLU B 226 8.99 2.15 -20.64
CA GLU B 226 9.17 3.19 -19.62
C GLU B 226 10.63 3.41 -19.32
N THR B 227 11.38 2.32 -19.15
CA THR B 227 12.76 2.46 -18.68
C THR B 227 13.65 3.06 -19.75
N ILE B 228 13.50 2.62 -21.00
CA ILE B 228 14.34 3.20 -22.05
C ILE B 228 13.96 4.66 -22.28
N THR B 229 12.66 4.98 -22.22
CA THR B 229 12.24 6.38 -22.37
C THR B 229 12.78 7.24 -21.24
N ASN B 230 12.65 6.77 -19.99
CA ASN B 230 13.24 7.48 -18.86
C ASN B 230 14.76 7.60 -18.98
N ALA B 231 15.43 6.53 -19.45
CA ALA B 231 16.88 6.58 -19.59
C ALA B 231 17.31 7.60 -20.63
N THR B 232 16.58 7.66 -21.75
CA THR B 232 16.85 8.68 -22.75
C THR B 232 16.66 10.08 -22.17
N SER B 233 15.62 10.29 -21.36
CA SER B 233 15.42 11.60 -20.75
C SER B 233 16.58 11.94 -19.81
N ALA B 234 17.08 10.96 -19.06
CA ALA B 234 18.21 11.21 -18.19
C ALA B 234 19.47 11.53 -18.99
N LYS B 235 19.65 10.82 -20.12
CA LYS B 235 20.78 11.14 -21.01
C LYS B 235 20.66 12.55 -21.54
N ASN B 236 19.45 12.95 -21.97
CA ASN B 236 19.25 14.31 -22.46
C ASN B 236 19.55 15.34 -21.37
N TRP B 237 19.08 15.06 -20.15
CA TRP B 237 19.37 15.95 -19.02
C TRP B 237 20.87 16.05 -18.78
N PHE B 238 21.56 14.90 -18.82
CA PHE B 238 23.02 14.91 -18.60
C PHE B 238 23.73 15.69 -19.70
N LEU B 239 23.39 15.42 -20.96
CA LEU B 239 24.08 16.07 -22.07
C LEU B 239 23.76 17.55 -22.17
N ALA B 240 22.63 18.01 -21.60
CA ALA B 240 22.35 19.44 -21.64
C ALA B 240 23.41 20.23 -20.90
N THR B 241 24.04 19.62 -19.89
CA THR B 241 25.14 20.23 -19.15
C THR B 241 26.51 19.73 -19.61
N ALA B 242 26.65 18.43 -19.84
CA ALA B 242 27.95 17.83 -20.14
C ALA B 242 28.33 17.94 -21.60
N LYS B 243 27.36 18.12 -22.49
CA LYS B 243 27.54 18.46 -23.90
C LYS B 243 28.01 17.30 -24.78
N ASP B 244 29.12 16.65 -24.44
CA ASP B 244 29.68 15.64 -25.35
C ASP B 244 29.39 14.23 -24.84
N SER B 245 28.96 13.37 -25.76
CA SER B 245 28.56 12.01 -25.42
C SER B 245 29.73 11.17 -24.92
N LYS B 246 30.98 11.61 -25.11
CA LYS B 246 32.10 10.84 -24.58
C LYS B 246 32.07 10.80 -23.05
N HIS B 247 31.38 11.75 -22.42
CA HIS B 247 31.28 11.81 -20.96
C HIS B 247 30.27 10.80 -20.40
N ILE B 248 29.47 10.16 -21.25
CA ILE B 248 28.45 9.24 -20.76
C ILE B 248 29.10 8.06 -20.04
N ALA B 249 30.32 7.68 -20.44
CA ALA B 249 30.99 6.51 -19.87
C ALA B 249 31.36 6.68 -18.40
N LYS B 250 31.39 7.91 -17.87
CA LYS B 250 31.64 8.09 -16.45
C LYS B 250 30.37 8.22 -15.64
N HIS B 251 29.19 8.24 -16.29
CA HIS B 251 27.96 8.57 -15.59
C HIS B 251 26.79 7.62 -15.84
N PHE B 252 26.94 6.63 -16.71
CA PHE B 252 25.86 5.68 -17.02
C PHE B 252 26.39 4.26 -17.00
N ALA B 253 25.77 3.42 -16.18
CA ALA B 253 26.01 1.98 -16.17
C ALA B 253 24.68 1.27 -16.39
N ALA B 254 24.76 -0.02 -16.70
CA ALA B 254 23.59 -0.82 -17.03
C ALA B 254 23.58 -2.12 -16.24
N LEU B 255 22.40 -2.51 -15.76
CA LEU B 255 22.16 -3.76 -15.04
C LEU B 255 21.19 -4.58 -15.91
N SER B 256 21.69 -5.62 -16.59
CA SER B 256 20.87 -6.18 -17.66
C SER B 256 21.34 -7.58 -18.04
N THR B 257 20.49 -8.28 -18.80
CA THR B 257 20.89 -9.53 -19.45
C THR B 257 21.22 -9.35 -20.92
N ASN B 258 21.01 -8.16 -21.48
CA ASN B 258 21.01 -7.95 -22.93
C ASN B 258 22.16 -6.99 -23.30
N GLU B 259 23.34 -7.56 -23.52
CA GLU B 259 24.52 -6.72 -23.79
C GLU B 259 24.37 -5.96 -25.10
N LYS B 260 23.77 -6.57 -26.13
CA LYS B 260 23.64 -5.89 -27.41
C LYS B 260 22.79 -4.63 -27.30
N GLU B 261 21.68 -4.69 -26.54
CA GLU B 261 20.85 -3.51 -26.40
C GLU B 261 21.48 -2.47 -25.50
N VAL B 262 22.27 -2.89 -24.50
CA VAL B 262 23.00 -1.94 -23.67
C VAL B 262 23.98 -1.15 -24.50
N VAL B 263 24.76 -1.84 -25.34
CA VAL B 263 25.75 -1.16 -26.15
C VAL B 263 25.09 -0.25 -27.18
N ALA B 264 23.97 -0.71 -27.77
CA ALA B 264 23.26 0.12 -28.74
C ALA B 264 22.72 1.40 -28.12
N PHE B 265 22.43 1.37 -26.82
CA PHE B 265 21.97 2.56 -26.12
C PHE B 265 23.08 3.56 -25.85
N GLY B 266 24.33 3.16 -26.02
CA GLY B 266 25.45 4.05 -25.79
C GLY B 266 26.18 3.84 -24.48
N ILE B 267 25.90 2.77 -23.76
CA ILE B 267 26.60 2.44 -22.53
C ILE B 267 27.72 1.48 -22.84
N ASP B 268 28.90 1.75 -22.26
CA ASP B 268 30.08 0.90 -22.39
C ASP B 268 29.83 -0.48 -21.80
N ALA B 269 30.26 -1.52 -22.53
CA ALA B 269 30.12 -2.88 -22.03
C ALA B 269 30.89 -3.08 -20.73
N LYS B 270 31.99 -2.34 -20.54
CA LYS B 270 32.72 -2.37 -19.29
C LYS B 270 31.86 -1.90 -18.12
N ASN B 271 30.83 -1.10 -18.40
CA ASN B 271 29.92 -0.57 -17.39
C ASN B 271 28.63 -1.36 -17.31
N MET B 272 28.60 -2.58 -17.83
CA MET B 272 27.43 -3.43 -17.74
C MET B 272 27.64 -4.47 -16.65
N PHE B 273 26.61 -4.68 -15.84
CA PHE B 273 26.60 -5.65 -14.76
C PHE B 273 25.51 -6.66 -15.13
N GLY B 274 25.93 -7.88 -15.46
CA GLY B 274 25.03 -8.81 -16.12
C GLY B 274 24.32 -9.74 -15.16
N PHE B 275 23.22 -10.30 -15.66
CA PHE B 275 22.59 -11.45 -15.02
C PHE B 275 21.89 -12.26 -16.11
N GLU B 276 21.23 -13.34 -15.70
CA GLU B 276 20.71 -14.34 -16.63
C GLU B 276 19.19 -14.38 -16.65
N SER B 277 18.66 -15.02 -17.70
CA SER B 277 17.23 -15.14 -17.90
C SER B 277 16.54 -15.85 -16.74
N TRP B 278 17.25 -16.67 -15.97
CA TRP B 278 16.64 -17.41 -14.89
C TRP B 278 16.49 -16.59 -13.61
N VAL B 279 16.75 -15.30 -13.67
CA VAL B 279 16.47 -14.37 -12.58
C VAL B 279 15.16 -13.66 -12.91
N GLY B 280 14.09 -13.99 -12.19
CA GLY B 280 12.85 -13.24 -12.36
C GLY B 280 12.95 -11.87 -11.72
N GLY B 281 12.30 -10.88 -12.35
CA GLY B 281 12.42 -9.51 -11.86
C GLY B 281 12.07 -9.35 -10.38
N ARG B 282 10.99 -10.00 -9.95
CA ARG B 282 10.55 -9.89 -8.55
C ARG B 282 11.43 -10.70 -7.59
N TYR B 283 12.43 -11.40 -8.14
CA TYR B 283 13.44 -12.17 -7.43
C TYR B 283 14.85 -11.66 -7.74
N SER B 284 14.97 -10.41 -8.19
CA SER B 284 16.21 -9.96 -8.81
C SER B 284 17.08 -9.04 -7.95
N VAL B 285 16.62 -8.60 -6.79
CA VAL B 285 17.43 -7.66 -6.02
C VAL B 285 18.76 -8.28 -5.58
N TRP B 286 18.86 -9.61 -5.60
CA TRP B 286 20.08 -10.33 -5.24
C TRP B 286 21.14 -10.30 -6.32
N SER B 287 20.77 -9.90 -7.54
CA SER B 287 21.65 -9.92 -8.69
C SER B 287 22.29 -8.54 -8.88
N ALA B 288 22.83 -8.32 -10.08
CA ALA B 288 23.30 -6.99 -10.49
C ALA B 288 22.27 -5.90 -10.21
N ILE B 289 20.97 -6.25 -10.25
CA ILE B 289 19.92 -5.26 -9.97
C ILE B 289 20.10 -4.62 -8.60
N GLY B 290 20.77 -5.32 -7.67
CA GLY B 290 21.05 -4.77 -6.37
C GLY B 290 22.24 -3.83 -6.30
N LEU B 291 22.77 -3.37 -7.44
CA LEU B 291 24.00 -2.57 -7.39
C LEU B 291 23.78 -1.27 -6.61
N SER B 292 22.61 -0.64 -6.72
CA SER B 292 22.36 0.56 -5.94
C SER B 292 22.44 0.29 -4.44
N VAL B 293 22.06 -0.91 -4.02
CA VAL B 293 22.21 -1.28 -2.61
C VAL B 293 23.68 -1.35 -2.23
N ALA B 294 24.48 -2.05 -3.04
CA ALA B 294 25.91 -2.17 -2.72
C ALA B 294 26.59 -0.80 -2.68
N ILE B 295 26.18 0.12 -3.55
CA ILE B 295 26.75 1.47 -3.52
C ILE B 295 26.29 2.22 -2.27
N TYR B 296 25.02 2.10 -1.90
CA TYR B 296 24.48 2.89 -0.82
C TYR B 296 25.03 2.47 0.55
N ILE B 297 25.15 1.16 0.78
CA ILE B 297 25.56 0.66 2.09
C ILE B 297 26.87 -0.11 2.07
N GLY B 298 27.52 -0.23 0.91
CA GLY B 298 28.78 -0.96 0.82
C GLY B 298 28.58 -2.40 0.43
N PHE B 299 29.55 -2.93 -0.33
CA PHE B 299 29.39 -4.29 -0.83
C PHE B 299 29.36 -5.32 0.31
N GLU B 300 30.14 -5.10 1.37
CA GLU B 300 30.17 -6.10 2.43
C GLU B 300 28.80 -6.25 3.07
N ASN B 301 28.10 -5.14 3.30
CA ASN B 301 26.73 -5.24 3.81
C ASN B 301 25.82 -5.93 2.80
N PHE B 302 25.97 -5.62 1.51
CA PHE B 302 25.19 -6.30 0.49
C PHE B 302 25.47 -7.80 0.50
N ASN B 303 26.74 -8.17 0.65
CA ASN B 303 27.10 -9.59 0.69
C ASN B 303 26.50 -10.27 1.92
N ASP B 304 26.47 -9.59 3.07
CA ASP B 304 25.83 -10.14 4.26
C ASP B 304 24.34 -10.35 4.04
N PHE B 305 23.72 -9.43 3.31
CA PHE B 305 22.33 -9.56 2.86
C PHE B 305 22.13 -10.83 2.03
N LEU B 306 23.01 -11.06 1.05
CA LEU B 306 22.95 -12.31 0.28
C LEU B 306 23.12 -13.52 1.18
N LYS B 307 24.08 -13.47 2.12
CA LYS B 307 24.33 -14.63 2.96
C LYS B 307 23.15 -14.94 3.88
N GLY B 308 22.39 -13.91 4.28
CA GLY B 308 21.17 -14.18 5.02
C GLY B 308 20.14 -14.92 4.18
N ALA B 309 20.00 -14.53 2.91
CA ALA B 309 19.11 -15.29 2.03
C ALA B 309 19.60 -16.71 1.87
N GLU B 310 20.91 -16.89 1.67
CA GLU B 310 21.48 -18.22 1.49
C GLU B 310 21.20 -19.12 2.69
N ALA B 311 21.31 -18.57 3.91
CA ALA B 311 21.04 -19.37 5.09
C ALA B 311 19.57 -19.80 5.14
N MET B 312 18.65 -18.91 4.74
CA MET B 312 17.23 -19.29 4.71
C MET B 312 16.97 -20.29 3.60
N ASP B 313 17.66 -20.15 2.47
CA ASP B 313 17.60 -21.17 1.42
C ASP B 313 17.98 -22.53 1.96
N GLN B 314 19.06 -22.61 2.72
CA GLN B 314 19.50 -23.91 3.25
C GLN B 314 18.49 -24.45 4.26
N HIS B 315 17.90 -23.58 5.06
CA HIS B 315 16.81 -24.01 5.94
C HIS B 315 15.66 -24.61 5.14
N PHE B 316 15.22 -23.91 4.10
CA PHE B 316 14.11 -24.36 3.27
C PHE B 316 14.43 -25.69 2.58
N LEU B 317 15.68 -25.86 2.14
CA LEU B 317 16.08 -27.04 1.39
C LEU B 317 16.23 -28.28 2.27
N THR B 318 16.68 -28.12 3.52
CA THR B 318 17.11 -29.27 4.34
C THR B 318 16.20 -29.60 5.50
N THR B 319 15.13 -28.84 5.72
CA THR B 319 14.34 -29.08 6.93
C THR B 319 13.09 -29.87 6.60
N PRO B 320 12.79 -30.94 7.36
CA PRO B 320 11.52 -31.65 7.18
C PRO B 320 10.35 -30.69 7.25
N LEU B 321 9.32 -30.96 6.44
CA LEU B 321 8.21 -30.02 6.24
C LEU B 321 7.62 -29.52 7.54
N GLU B 322 7.45 -30.41 8.52
CA GLU B 322 6.74 -30.03 9.74
C GLU B 322 7.49 -29.01 10.58
N ASN B 323 8.78 -28.76 10.31
CA ASN B 323 9.55 -27.77 11.04
C ASN B 323 10.15 -26.74 10.09
N ASN B 324 9.67 -26.71 8.85
CA ASN B 324 10.23 -25.88 7.80
C ASN B 324 9.45 -24.55 7.80
N ILE B 325 10.13 -23.48 8.24
CA ILE B 325 9.42 -22.24 8.59
C ILE B 325 8.69 -21.64 7.38
N PRO B 326 9.32 -21.43 6.21
CA PRO B 326 8.54 -20.91 5.09
C PRO B 326 7.43 -21.84 4.61
N VAL B 327 7.62 -23.16 4.74
CA VAL B 327 6.53 -24.08 4.39
C VAL B 327 5.34 -23.88 5.32
N ILE B 328 5.60 -23.76 6.62
CA ILE B 328 4.52 -23.55 7.59
C ILE B 328 3.74 -22.28 7.26
N GLY B 329 4.45 -21.20 6.95
CA GLY B 329 3.77 -19.96 6.57
C GLY B 329 2.93 -20.13 5.31
N GLY B 330 3.44 -20.90 4.33
CA GLY B 330 2.68 -21.12 3.11
C GLY B 330 1.47 -22.00 3.34
N LEU B 331 1.60 -23.03 4.19
CA LEU B 331 0.46 -23.89 4.51
C LEU B 331 -0.65 -23.12 5.20
N LEU B 332 -0.29 -22.22 6.12
CA LEU B 332 -1.32 -21.42 6.77
C LEU B 332 -2.01 -20.50 5.76
N SER B 333 -1.26 -19.96 4.81
CA SER B 333 -1.87 -19.13 3.78
C SER B 333 -2.90 -19.92 2.98
N VAL B 334 -2.55 -21.15 2.59
CA VAL B 334 -3.50 -22.00 1.86
C VAL B 334 -4.73 -22.26 2.72
N TRP B 335 -4.52 -22.60 3.99
CA TRP B 335 -5.64 -22.83 4.90
C TRP B 335 -6.62 -21.66 4.90
N TYR B 336 -6.10 -20.43 5.05
CA TYR B 336 -6.98 -19.27 5.11
C TYR B 336 -7.61 -18.95 3.75
N ASN B 337 -6.79 -19.00 2.69
CA ASN B 337 -7.25 -18.65 1.35
C ASN B 337 -8.31 -19.62 0.83
N ASN B 338 -8.09 -20.92 1.02
CA ASN B 338 -8.88 -21.92 0.33
C ASN B 338 -9.92 -22.59 1.21
N PHE B 339 -9.81 -22.46 2.52
CA PHE B 339 -10.81 -23.09 3.36
C PHE B 339 -11.62 -22.08 4.16
N PHE B 340 -10.99 -21.03 4.69
CA PHE B 340 -11.77 -19.93 5.27
C PHE B 340 -12.29 -18.95 4.22
N GLY B 341 -11.66 -18.90 3.05
CA GLY B 341 -12.10 -17.97 2.03
C GLY B 341 -11.62 -16.55 2.23
N ALA B 342 -10.61 -16.34 3.05
CA ALA B 342 -10.04 -15.01 3.22
C ALA B 342 -9.24 -14.66 1.97
N GLN B 343 -9.54 -13.51 1.37
CA GLN B 343 -8.90 -13.12 0.13
C GLN B 343 -7.60 -12.34 0.32
N THR B 344 -7.29 -11.89 1.55
CA THR B 344 -6.15 -10.98 1.72
C THR B 344 -5.17 -11.52 2.75
N HIS B 345 -3.99 -10.92 2.73
CA HIS B 345 -2.88 -11.25 3.63
C HIS B 345 -2.20 -9.92 3.98
N LEU B 346 -2.23 -9.56 5.26
CA LEU B 346 -1.71 -8.29 5.75
C LEU B 346 -0.29 -8.49 6.31
N VAL B 347 0.64 -7.61 5.92
CA VAL B 347 1.98 -7.63 6.50
C VAL B 347 2.26 -6.26 7.09
N VAL B 348 2.56 -6.22 8.39
CA VAL B 348 2.73 -4.98 9.13
C VAL B 348 4.10 -4.96 9.82
N PRO B 349 5.07 -4.24 9.26
CA PRO B 349 6.35 -4.05 9.97
C PRO B 349 6.20 -3.00 11.06
N PHE B 350 6.54 -3.37 12.28
CA PHE B 350 6.65 -2.41 13.39
C PHE B 350 8.04 -1.77 13.31
N ASP B 351 8.25 -1.04 12.22
CA ASP B 351 9.59 -0.61 11.82
C ASP B 351 9.47 0.38 10.67
N GLN B 352 9.87 1.63 10.91
CA GLN B 352 9.69 2.66 9.91
C GLN B 352 10.61 2.45 8.70
N TYR B 353 11.84 1.97 8.92
CA TYR B 353 12.73 1.70 7.80
C TYR B 353 12.11 0.70 6.82
N LEU B 354 11.32 -0.25 7.33
CA LEU B 354 10.67 -1.25 6.49
CA LEU B 354 10.67 -1.25 6.50
C LEU B 354 9.35 -0.78 5.89
N HIS B 355 9.14 0.54 5.75
CA HIS B 355 7.84 1.03 5.28
C HIS B 355 7.49 0.57 3.88
N ARG B 356 8.46 0.22 3.03
CA ARG B 356 8.16 -0.27 1.69
C ARG B 356 8.20 -1.80 1.61
N PHE B 357 8.39 -2.47 2.74
CA PHE B 357 8.41 -3.93 2.75
C PHE B 357 7.08 -4.53 2.30
N PRO B 358 5.91 -4.07 2.77
CA PRO B 358 4.66 -4.64 2.23
C PRO B 358 4.50 -4.47 0.73
N ALA B 359 4.84 -3.29 0.18
CA ALA B 359 4.73 -3.10 -1.27
C ALA B 359 5.61 -4.08 -2.02
N TYR B 360 6.83 -4.31 -1.52
CA TYR B 360 7.71 -5.27 -2.17
C TYR B 360 7.12 -6.68 -2.13
N LEU B 361 6.63 -7.10 -0.96
CA LEU B 361 6.01 -8.42 -0.85
C LEU B 361 4.75 -8.52 -1.70
N GLN B 362 4.03 -7.41 -1.86
CA GLN B 362 2.84 -7.42 -2.67
C GLN B 362 3.17 -7.79 -4.11
N GLN B 363 4.28 -7.26 -4.63
CA GLN B 363 4.73 -7.69 -5.95
C GLN B 363 5.16 -9.16 -5.94
N LEU B 364 6.05 -9.52 -5.01
CA LEU B 364 6.56 -10.89 -4.95
C LEU B 364 5.42 -11.89 -4.93
N SER B 365 4.44 -11.66 -4.05
CA SER B 365 3.37 -12.62 -3.83
C SER B 365 2.36 -12.62 -4.96
N MET B 366 1.77 -11.46 -5.25
CA MET B 366 0.65 -11.42 -6.19
C MET B 366 1.07 -11.69 -7.62
N GLU B 367 2.26 -11.20 -8.01
CA GLU B 367 2.72 -11.45 -9.38
C GLU B 367 3.14 -12.91 -9.55
N SER B 368 3.65 -13.54 -8.48
CA SER B 368 3.96 -14.96 -8.57
C SER B 368 2.69 -15.79 -8.65
N ASN B 369 1.73 -15.54 -7.77
CA ASN B 369 0.67 -16.53 -7.55
C ASN B 369 -0.68 -16.11 -8.07
N GLY B 370 -0.77 -14.97 -8.76
CA GLY B 370 -1.99 -14.55 -9.42
C GLY B 370 -2.16 -15.25 -10.75
N LYS B 371 -2.51 -16.55 -10.71
CA LYS B 371 -2.56 -17.41 -11.88
C LYS B 371 -3.81 -18.26 -11.81
N SER B 372 -4.31 -18.66 -12.99
CA SER B 372 -5.52 -19.46 -13.06
C SER B 372 -5.32 -20.78 -13.80
N VAL B 373 -4.08 -21.15 -14.13
CA VAL B 373 -3.79 -22.35 -14.90
C VAL B 373 -2.71 -23.14 -14.17
N THR B 374 -2.85 -24.46 -14.11
CA THR B 374 -1.89 -25.28 -13.41
C THR B 374 -0.80 -25.80 -14.35
N ARG B 375 0.18 -26.50 -13.75
CA ARG B 375 1.26 -27.14 -14.47
C ARG B 375 0.78 -28.31 -15.32
N ALA B 376 -0.45 -28.77 -15.12
CA ALA B 376 -1.08 -29.71 -16.03
C ALA B 376 -1.81 -29.00 -17.17
N ASN B 377 -1.71 -27.67 -17.22
CA ASN B 377 -2.25 -26.87 -18.34
C ASN B 377 -3.78 -26.96 -18.40
N VAL B 378 -4.41 -26.99 -17.22
CA VAL B 378 -5.86 -26.91 -17.08
C VAL B 378 -6.17 -25.76 -16.14
N PHE B 379 -7.39 -25.23 -16.26
CA PHE B 379 -7.80 -24.10 -15.42
C PHE B 379 -8.13 -24.56 -14.01
N THR B 380 -7.84 -23.70 -13.04
CA THR B 380 -8.15 -24.00 -11.66
C THR B 380 -9.64 -23.87 -11.41
N ASN B 381 -10.13 -24.62 -10.42
CA ASN B 381 -11.49 -24.50 -9.90
CA ASN B 381 -11.49 -24.50 -9.90
C ASN B 381 -11.49 -24.03 -8.45
N TYR B 382 -10.40 -23.41 -8.01
CA TYR B 382 -10.21 -23.00 -6.63
C TYR B 382 -9.38 -21.73 -6.61
N GLN B 383 -9.35 -21.08 -5.45
CA GLN B 383 -8.62 -19.83 -5.30
C GLN B 383 -7.11 -20.04 -5.31
N THR B 384 -6.41 -19.14 -6.00
CA THR B 384 -4.96 -19.12 -5.98
C THR B 384 -4.51 -17.86 -5.23
N GLY B 385 -3.53 -17.11 -5.74
CA GLY B 385 -2.94 -16.01 -4.99
C GLY B 385 -3.84 -15.08 -4.23
N THR B 386 -3.40 -14.77 -3.01
CA THR B 386 -4.05 -13.83 -2.10
CA THR B 386 -4.08 -13.84 -2.13
C THR B 386 -3.66 -12.40 -2.48
N ILE B 387 -4.46 -11.44 -2.03
CA ILE B 387 -4.15 -10.03 -2.18
C ILE B 387 -3.37 -9.59 -0.95
N LEU B 388 -2.10 -9.23 -1.12
CA LEU B 388 -1.23 -8.87 0.00
C LEU B 388 -1.13 -7.35 0.10
N PHE B 389 -1.21 -6.83 1.32
CA PHE B 389 -1.14 -5.39 1.52
C PHE B 389 -0.56 -5.09 2.89
N GLY B 390 -0.23 -3.83 3.12
CA GLY B 390 0.20 -3.42 4.45
C GLY B 390 0.75 -2.02 4.48
N GLU B 391 0.95 -1.55 5.70
CA GLU B 391 1.64 -0.32 6.04
C GLU B 391 2.39 -0.58 7.33
N PRO B 392 3.39 0.23 7.65
CA PRO B 392 4.06 0.08 8.95
C PRO B 392 3.15 0.43 10.14
N ALA B 393 3.46 -0.20 11.26
CA ALA B 393 2.91 0.19 12.56
C ALA B 393 3.95 1.06 13.26
N THR B 394 3.51 1.94 14.17
CA THR B 394 2.15 1.96 14.72
C THR B 394 1.09 2.70 13.90
N ASN B 395 1.49 3.37 12.82
CA ASN B 395 0.51 4.14 12.03
C ASN B 395 -0.70 3.30 11.65
N ALA B 396 -0.49 2.07 11.20
CA ALA B 396 -1.60 1.25 10.74
C ALA B 396 -2.63 1.01 11.84
N GLN B 397 -2.20 1.03 13.11
CA GLN B 397 -3.12 0.83 14.22
C GLN B 397 -4.15 1.94 14.34
N HIS B 398 -3.86 3.10 13.76
CA HIS B 398 -4.72 4.26 13.85
C HIS B 398 -5.64 4.40 12.66
N SER B 399 -5.49 3.51 11.68
CA SER B 399 -6.24 3.62 10.44
C SER B 399 -6.99 2.33 10.14
N PHE B 400 -6.48 1.54 9.21
CA PHE B 400 -7.29 0.41 8.78
C PHE B 400 -7.31 -0.74 9.78
N PHE B 401 -6.52 -0.69 10.86
CA PHE B 401 -6.67 -1.68 11.91
C PHE B 401 -8.08 -1.66 12.49
N GLN B 402 -8.83 -0.56 12.34
CA GLN B 402 -10.23 -0.56 12.74
C GLN B 402 -10.96 -1.74 12.12
N LEU B 403 -10.76 -1.94 10.82
CA LEU B 403 -11.43 -3.02 10.10
C LEU B 403 -10.83 -4.39 10.47
N VAL B 404 -9.51 -4.44 10.67
CA VAL B 404 -8.91 -5.70 11.09
C VAL B 404 -9.55 -6.18 12.39
N HIS B 405 -9.81 -5.27 13.32
CA HIS B 405 -10.36 -5.60 14.63
C HIS B 405 -11.86 -5.86 14.61
N GLN B 406 -12.65 -5.03 13.92
CA GLN B 406 -14.09 -5.04 14.08
C GLN B 406 -14.89 -5.26 12.81
N GLY B 407 -14.24 -5.43 11.66
CA GLY B 407 -14.95 -5.66 10.40
C GLY B 407 -15.45 -7.08 10.26
N THR B 408 -15.94 -7.38 9.06
CA THR B 408 -16.57 -8.65 8.74
C THR B 408 -15.68 -9.57 7.91
N LYS B 409 -14.40 -9.23 7.74
CA LYS B 409 -13.50 -9.98 6.89
C LYS B 409 -12.34 -10.54 7.71
N LEU B 410 -12.04 -11.82 7.50
CA LEU B 410 -10.87 -12.43 8.12
C LEU B 410 -9.63 -11.95 7.37
N ILE B 411 -8.68 -11.37 8.10
CA ILE B 411 -7.46 -10.83 7.48
C ILE B 411 -6.26 -11.39 8.22
N PRO B 412 -5.76 -12.55 7.79
CA PRO B 412 -4.53 -13.09 8.39
C PRO B 412 -3.42 -12.06 8.27
N ALA B 413 -2.67 -11.88 9.35
CA ALA B 413 -1.71 -10.78 9.43
C ALA B 413 -0.38 -11.25 10.00
N ASP B 414 0.70 -10.72 9.44
CA ASP B 414 2.06 -10.94 9.92
C ASP B 414 2.54 -9.63 10.52
N PHE B 415 2.97 -9.66 11.78
CA PHE B 415 3.57 -8.52 12.46
C PHE B 415 5.06 -8.78 12.62
N ILE B 416 5.89 -7.79 12.31
CA ILE B 416 7.34 -7.94 12.34
C ILE B 416 7.95 -6.86 13.24
N LEU B 417 8.79 -7.27 14.18
CA LEU B 417 9.45 -6.32 15.08
C LEU B 417 10.90 -6.72 15.28
N ALA B 418 11.79 -5.73 15.34
CA ALA B 418 13.17 -5.95 15.79
C ALA B 418 13.28 -5.60 17.27
N ALA B 419 13.97 -6.46 18.02
CA ALA B 419 14.13 -6.21 19.44
C ALA B 419 15.06 -5.02 19.70
N GLN B 420 16.01 -4.78 18.81
CA GLN B 420 16.95 -3.67 18.92
C GLN B 420 16.78 -2.72 17.74
N SER B 421 16.73 -1.42 18.04
CA SER B 421 16.60 -0.35 17.07
C SER B 421 17.97 0.16 16.62
N HIS B 422 18.07 0.54 15.34
CA HIS B 422 19.24 1.30 14.91
C HIS B 422 19.24 2.72 15.45
N ASN B 423 18.12 3.20 15.98
CA ASN B 423 17.99 4.55 16.50
C ASN B 423 17.37 4.49 17.88
N PRO B 424 18.10 3.99 18.88
CA PRO B 424 17.55 3.79 20.23
C PRO B 424 17.53 5.06 21.05
N ILE B 425 16.85 6.09 20.51
CA ILE B 425 16.89 7.41 21.14
C ILE B 425 16.25 7.37 22.53
N GLU B 426 16.66 8.33 23.35
CA GLU B 426 16.11 8.50 24.71
C GLU B 426 16.18 7.19 25.49
N LYS B 427 17.36 6.57 25.44
CA LYS B 427 17.63 5.31 26.12
C LYS B 427 16.50 4.30 25.90
N ASN B 428 16.09 4.18 24.63
CA ASN B 428 15.13 3.20 24.12
C ASN B 428 13.69 3.46 24.55
N LEU B 429 13.36 4.70 24.94
CA LEU B 429 11.99 5.03 25.31
C LEU B 429 11.02 4.78 24.16
N HIS B 430 11.36 5.25 22.96
CA HIS B 430 10.49 5.02 21.81
C HIS B 430 10.41 3.54 21.47
N GLN B 431 11.53 2.84 21.58
CA GLN B 431 11.59 1.42 21.19
C GLN B 431 10.76 0.55 22.11
N ARG B 432 10.78 0.80 23.43
CA ARG B 432 9.92 0.05 24.33
C ARG B 432 8.44 0.33 24.04
N MET B 433 8.10 1.57 23.71
CA MET B 433 6.72 1.89 23.36
C MET B 433 6.32 1.15 22.08
N LEU B 434 7.16 1.23 21.06
CA LEU B 434 6.90 0.49 19.82
C LEU B 434 6.67 -0.98 20.09
N ALA B 435 7.57 -1.60 20.86
CA ALA B 435 7.45 -3.02 21.17
C ALA B 435 6.15 -3.34 21.91
N SER B 436 5.77 -2.51 22.87
CA SER B 436 4.55 -2.80 23.63
C SER B 436 3.31 -2.83 22.73
N ASN B 437 3.32 -2.02 21.66
CA ASN B 437 2.20 -2.05 20.71
C ASN B 437 2.21 -3.34 19.90
N PHE B 438 3.40 -3.81 19.50
CA PHE B 438 3.55 -5.09 18.81
C PHE B 438 2.90 -6.23 19.61
N PHE B 439 3.25 -6.34 20.90
CA PHE B 439 2.70 -7.42 21.70
C PHE B 439 1.21 -7.24 21.92
N ALA B 440 0.78 -6.01 22.22
CA ALA B 440 -0.59 -5.77 22.67
C ALA B 440 -1.60 -5.92 21.54
N GLN B 441 -1.20 -5.56 20.31
CA GLN B 441 -2.12 -5.66 19.18
C GLN B 441 -2.42 -7.11 18.82
N SER B 442 -1.40 -7.97 18.77
CA SER B 442 -1.68 -9.36 18.47
C SER B 442 -2.46 -10.02 19.62
N GLU B 443 -2.13 -9.64 20.86
CA GLU B 443 -2.89 -10.15 22.00
C GLU B 443 -4.37 -9.79 21.88
N ALA B 444 -4.66 -8.52 21.58
CA ALA B 444 -6.06 -8.09 21.53
C ALA B 444 -6.81 -8.73 20.36
N LEU B 445 -6.15 -8.90 19.21
CA LEU B 445 -6.81 -9.58 18.11
C LEU B 445 -7.19 -11.01 18.48
N MET B 446 -6.42 -11.64 19.37
CA MET B 446 -6.73 -13.00 19.79
CA MET B 446 -6.71 -13.01 19.80
C MET B 446 -7.79 -13.02 20.88
N VAL B 447 -7.64 -12.18 21.91
CA VAL B 447 -8.53 -12.32 23.07
C VAL B 447 -9.87 -11.61 22.85
N GLY B 448 -9.90 -10.52 22.08
CA GLY B 448 -11.17 -9.83 21.90
C GLY B 448 -11.68 -9.19 23.19
N LYS B 449 -12.99 -8.91 23.21
CA LYS B 449 -13.61 -8.25 24.36
C LYS B 449 -15.11 -8.52 24.28
N ASP B 450 -15.64 -9.33 25.21
CA ASP B 450 -16.98 -9.82 25.02
C ASP B 450 -18.02 -8.87 25.63
N GLU B 451 -19.29 -9.26 25.49
CA GLU B 451 -20.40 -8.42 25.94
CA GLU B 451 -20.40 -8.41 25.93
C GLU B 451 -20.27 -8.08 27.42
N ALA B 452 -19.94 -9.08 28.24
CA ALA B 452 -19.86 -8.86 29.69
C ALA B 452 -18.79 -7.85 30.06
N LYS B 453 -17.63 -7.92 29.39
CA LYS B 453 -16.55 -6.98 29.67
C LYS B 453 -16.91 -5.57 29.22
N VAL B 454 -17.58 -5.44 28.08
CA VAL B 454 -18.03 -4.12 27.63
C VAL B 454 -18.99 -3.51 28.65
N LYS B 455 -19.93 -4.31 29.17
CA LYS B 455 -20.83 -3.82 30.22
C LYS B 455 -20.06 -3.44 31.48
N ALA B 456 -19.10 -4.28 31.88
CA ALA B 456 -18.34 -3.98 33.11
C ALA B 456 -17.54 -2.69 32.95
N GLU B 457 -17.14 -2.36 31.72
CA GLU B 457 -16.40 -1.14 31.43
C GLU B 457 -17.30 0.09 31.32
N GLY B 458 -18.62 -0.08 31.44
CA GLY B 458 -19.53 1.04 31.62
C GLY B 458 -20.54 1.26 30.52
N ALA B 459 -20.49 0.53 29.40
CA ALA B 459 -21.48 0.72 28.35
C ALA B 459 -22.79 0.04 28.73
N THR B 460 -23.90 0.66 28.34
CA THR B 460 -25.23 0.11 28.58
C THR B 460 -26.04 0.17 27.29
N GLY B 461 -27.08 -0.65 27.25
CA GLY B 461 -28.06 -0.59 26.17
C GLY B 461 -27.44 -0.81 24.82
N GLY B 462 -27.86 0.03 23.86
CA GLY B 462 -27.48 -0.19 22.47
C GLY B 462 -26.02 0.07 22.18
N LEU B 463 -25.32 0.81 23.04
CA LEU B 463 -23.90 1.04 22.80
C LEU B 463 -23.08 -0.25 22.91
N VAL B 464 -23.53 -1.20 23.73
CA VAL B 464 -22.69 -2.36 24.06
C VAL B 464 -22.13 -3.08 22.83
N PRO B 465 -22.94 -3.52 21.87
CA PRO B 465 -22.35 -4.33 20.78
C PRO B 465 -21.31 -3.60 19.96
N HIS B 466 -21.41 -2.27 19.86
CA HIS B 466 -20.47 -1.48 19.07
C HIS B 466 -19.05 -1.55 19.64
N LYS B 467 -18.93 -1.81 20.93
CA LYS B 467 -17.63 -1.83 21.57
C LYS B 467 -17.08 -3.24 21.81
N GLU B 468 -17.76 -4.26 21.29
CA GLU B 468 -17.29 -5.63 21.43
C GLU B 468 -16.27 -5.96 20.35
N PHE B 469 -15.40 -6.91 20.67
CA PHE B 469 -14.40 -7.44 19.75
C PHE B 469 -14.47 -8.96 19.78
N SER B 470 -14.56 -9.58 18.61
CA SER B 470 -14.75 -11.03 18.55
C SER B 470 -13.55 -11.80 19.09
N GLY B 471 -12.35 -11.27 18.89
CA GLY B 471 -11.18 -12.10 19.13
C GLY B 471 -11.10 -13.21 18.10
N ASN B 472 -10.16 -14.13 18.34
CA ASN B 472 -9.87 -15.24 17.42
C ASN B 472 -9.57 -14.72 16.02
N ARG B 473 -8.96 -13.53 15.95
CA ARG B 473 -8.47 -13.01 14.70
C ARG B 473 -6.98 -13.28 14.61
N PRO B 474 -6.53 -14.02 13.60
CA PRO B 474 -5.20 -14.63 13.66
C PRO B 474 -4.07 -13.66 13.32
N THR B 475 -2.93 -13.91 13.95
CA THR B 475 -1.70 -13.21 13.63
C THR B 475 -0.53 -14.18 13.69
N THR B 476 0.50 -13.84 12.93
CA THR B 476 1.83 -14.42 13.04
C THR B 476 2.76 -13.32 13.51
N SER B 477 3.53 -13.58 14.55
CA SER B 477 4.49 -12.59 15.05
C SER B 477 5.91 -13.05 14.73
N ILE B 478 6.67 -12.17 14.09
CA ILE B 478 8.04 -12.42 13.70
C ILE B 478 8.90 -11.42 14.45
N LEU B 479 9.72 -11.91 15.38
CA LEU B 479 10.56 -11.08 16.23
C LEU B 479 12.01 -11.34 15.85
N ALA B 480 12.66 -10.35 15.25
CA ALA B 480 14.09 -10.42 14.99
C ALA B 480 14.86 -9.76 16.14
N GLN B 481 16.15 -10.09 16.23
CA GLN B 481 17.01 -9.38 17.17
C GLN B 481 17.23 -7.94 16.70
N LYS B 482 17.46 -7.75 15.41
CA LYS B 482 17.80 -6.46 14.82
C LYS B 482 17.70 -6.62 13.32
N ILE B 483 17.20 -5.59 12.62
CA ILE B 483 17.12 -5.68 11.16
C ILE B 483 18.47 -5.32 10.57
N THR B 484 19.38 -6.27 10.59
CA THR B 484 20.66 -6.16 9.91
C THR B 484 20.48 -6.55 8.45
N PRO B 485 21.50 -6.33 7.61
CA PRO B 485 21.42 -6.85 6.23
C PRO B 485 21.14 -8.34 6.19
N ALA B 486 21.81 -9.13 7.05
CA ALA B 486 21.60 -10.57 7.08
C ALA B 486 20.17 -10.91 7.45
N THR B 487 19.63 -10.22 8.46
CA THR B 487 18.25 -10.47 8.86
C THR B 487 17.28 -10.15 7.72
N LEU B 488 17.48 -9.02 7.04
CA LEU B 488 16.57 -8.69 5.94
C LEU B 488 16.67 -9.71 4.83
N GLY B 489 17.89 -10.18 4.53
CA GLY B 489 18.05 -11.24 3.54
C GLY B 489 17.23 -12.47 3.88
N SER B 490 17.30 -12.91 5.13
CA SER B 490 16.54 -14.08 5.58
C SER B 490 15.04 -13.83 5.51
N LEU B 491 14.61 -12.60 5.85
CA LEU B 491 13.18 -12.29 5.84
C LEU B 491 12.60 -12.30 4.43
N ILE B 492 13.32 -11.72 3.47
CA ILE B 492 12.81 -11.75 2.09
C ILE B 492 12.76 -13.19 1.60
N ALA B 493 13.84 -13.95 1.84
CA ALA B 493 13.86 -15.34 1.40
C ALA B 493 12.74 -16.16 2.04
N TYR B 494 12.41 -15.87 3.30
CA TYR B 494 11.26 -16.53 3.93
C TYR B 494 10.00 -16.32 3.10
N TYR B 495 9.73 -15.08 2.69
CA TYR B 495 8.54 -14.83 1.89
C TYR B 495 8.67 -15.39 0.48
N GLU B 496 9.88 -15.42 -0.07
CA GLU B 496 10.07 -16.08 -1.36
C GLU B 496 9.66 -17.55 -1.28
N HIS B 497 10.09 -18.25 -0.24
CA HIS B 497 9.82 -19.68 -0.17
C HIS B 497 8.43 -19.98 0.37
N LEU B 498 7.85 -19.07 1.16
CA LEU B 498 6.42 -19.15 1.46
C LEU B 498 5.61 -19.09 0.17
N THR B 499 5.94 -18.14 -0.69
CA THR B 499 5.28 -17.98 -1.99
C THR B 499 5.48 -19.22 -2.86
N PHE B 500 6.67 -19.82 -2.79
CA PHE B 500 6.94 -21.06 -3.50
C PHE B 500 5.98 -22.16 -3.04
N THR B 501 5.83 -22.28 -1.72
CA THR B 501 5.01 -23.34 -1.14
C THR B 501 3.55 -23.20 -1.57
N GLU B 502 3.01 -21.98 -1.48
CA GLU B 502 1.64 -21.72 -1.97
C GLU B 502 1.47 -22.19 -3.41
N GLY B 503 2.36 -21.74 -4.30
CA GLY B 503 2.23 -22.09 -5.70
C GLY B 503 2.37 -23.57 -5.96
N ALA B 504 3.21 -24.25 -5.20
CA ALA B 504 3.37 -25.69 -5.41
C ALA B 504 2.12 -26.44 -5.03
N ILE B 505 1.44 -26.02 -3.96
CA ILE B 505 0.21 -26.67 -3.54
C ILE B 505 -0.90 -26.42 -4.56
N TRP B 506 -1.04 -25.17 -5.01
CA TRP B 506 -2.03 -24.86 -6.04
C TRP B 506 -1.65 -25.41 -7.41
N ASN B 507 -0.41 -25.88 -7.57
CA ASN B 507 0.08 -26.47 -8.81
C ASN B 507 0.20 -25.46 -9.93
N ILE B 508 0.44 -24.19 -9.59
CA ILE B 508 0.58 -23.14 -10.60
C ILE B 508 2.06 -22.90 -10.85
N ASN B 509 2.36 -22.13 -11.89
CA ASN B 509 3.73 -21.68 -12.19
C ASN B 509 3.92 -20.34 -11.52
N SER B 510 4.65 -20.31 -10.40
CA SER B 510 4.83 -19.07 -9.66
C SER B 510 5.81 -18.12 -10.32
N PHE B 511 6.37 -18.48 -11.46
CA PHE B 511 7.57 -17.81 -11.97
C PHE B 511 7.40 -17.13 -13.33
N ASP B 512 6.24 -17.26 -13.98
CA ASP B 512 5.96 -16.48 -15.18
C ASP B 512 5.05 -15.30 -14.80
N GLN B 513 4.68 -14.49 -15.80
CA GLN B 513 3.80 -13.35 -15.55
C GLN B 513 3.19 -12.84 -16.85
N TRP B 514 2.34 -13.66 -17.47
CA TRP B 514 1.86 -13.31 -18.79
C TRP B 514 0.97 -12.07 -18.79
N GLY B 515 0.40 -11.69 -17.66
CA GLY B 515 -0.31 -10.42 -17.58
C GLY B 515 0.60 -9.20 -17.56
N VAL B 516 1.77 -9.31 -16.94
CA VAL B 516 2.67 -8.17 -17.01
CA VAL B 516 2.76 -8.23 -16.98
C VAL B 516 3.39 -8.16 -18.37
N GLU B 517 3.61 -9.32 -18.98
CA GLU B 517 4.15 -9.34 -20.33
C GLU B 517 3.15 -8.73 -21.31
N LEU B 518 1.86 -9.02 -21.13
CA LEU B 518 0.85 -8.38 -21.98
C LEU B 518 0.87 -6.87 -21.81
N GLY B 519 0.92 -6.40 -20.56
CA GLY B 519 0.87 -4.97 -20.33
C GLY B 519 1.95 -4.21 -21.08
N LYS B 520 3.11 -4.84 -21.27
CA LYS B 520 4.22 -4.18 -21.93
C LYS B 520 4.04 -4.08 -23.43
N VAL B 521 3.00 -4.69 -24.01
CA VAL B 521 2.71 -4.57 -25.43
C VAL B 521 1.36 -3.94 -25.71
N LEU B 522 0.58 -3.60 -24.68
CA LEU B 522 -0.77 -3.11 -24.92
C LEU B 522 -0.82 -1.67 -25.40
N ALA B 523 0.07 -0.83 -24.90
CA ALA B 523 -0.16 0.61 -25.01
C ALA B 523 0.25 1.18 -26.35
N LYS B 524 1.05 0.44 -27.12
CA LYS B 524 1.65 1.01 -28.33
C LYS B 524 0.59 1.43 -29.33
N VAL B 525 -0.47 0.63 -29.49
CA VAL B 525 -1.49 0.94 -30.49
C VAL B 525 -2.18 2.26 -30.16
N ILE B 526 -2.56 2.45 -28.89
CA ILE B 526 -3.22 3.70 -28.52
C ILE B 526 -2.22 4.85 -28.51
N GLY B 527 -0.97 4.58 -28.13
CA GLY B 527 0.04 5.63 -28.19
C GLY B 527 0.14 6.27 -29.56
N LYS B 528 0.07 5.45 -30.62
CA LYS B 528 0.10 6.01 -31.97
C LYS B 528 -1.12 6.86 -32.25
N GLU B 529 -2.29 6.49 -31.70
CA GLU B 529 -3.50 7.27 -31.89
C GLU B 529 -3.45 8.61 -31.15
N LEU B 530 -2.62 8.74 -30.12
CA LEU B 530 -2.49 9.99 -29.40
C LEU B 530 -1.54 10.97 -30.07
N ASP B 531 -1.02 10.63 -31.25
CA ASP B 531 -0.14 11.54 -31.97
C ASP B 531 -0.88 12.67 -32.67
N ASP B 532 -2.21 12.63 -32.71
CA ASP B 532 -2.99 13.72 -33.28
C ASP B 532 -4.26 13.90 -32.44
N LYS B 533 -5.06 14.90 -32.82
CA LYS B 533 -6.26 15.25 -32.11
C LYS B 533 -7.53 14.73 -32.78
N LYS B 534 -7.39 13.84 -33.76
CA LYS B 534 -8.55 13.31 -34.45
C LYS B 534 -9.31 12.33 -33.56
N ALA B 535 -10.64 12.42 -33.59
CA ALA B 535 -11.46 11.49 -32.82
C ALA B 535 -11.21 10.05 -33.28
N VAL B 536 -11.24 9.12 -32.34
CA VAL B 536 -11.01 7.71 -32.66
C VAL B 536 -12.30 6.93 -32.48
N ALA B 537 -12.44 5.88 -33.28
CA ALA B 537 -13.58 4.97 -33.15
C ALA B 537 -13.13 3.53 -33.37
N THR B 538 -11.87 3.23 -33.08
CA THR B 538 -11.29 1.93 -33.33
C THR B 538 -11.43 0.94 -32.17
N HIS B 539 -12.01 1.36 -31.05
CA HIS B 539 -12.16 0.52 -29.87
C HIS B 539 -13.62 0.41 -29.47
N ASP B 540 -13.85 -0.23 -28.32
CA ASP B 540 -15.15 -0.18 -27.66
C ASP B 540 -15.50 1.27 -27.31
N ALA B 541 -16.79 1.52 -27.05
CA ALA B 541 -17.28 2.88 -26.89
C ALA B 541 -16.69 3.58 -25.66
N SER B 542 -16.37 2.82 -24.60
CA SER B 542 -15.75 3.46 -23.44
C SER B 542 -14.33 3.89 -23.74
N THR B 543 -13.51 2.97 -24.29
CA THR B 543 -12.16 3.34 -24.66
C THR B 543 -12.16 4.50 -25.65
N ASN B 544 -13.07 4.49 -26.63
CA ASN B 544 -13.16 5.62 -27.56
C ASN B 544 -13.52 6.91 -26.82
N GLY B 545 -14.52 6.83 -25.95
CA GLY B 545 -14.98 8.04 -25.26
C GLY B 545 -13.91 8.63 -24.37
N LEU B 546 -13.16 7.78 -23.68
CA LEU B 546 -12.07 8.24 -22.82
C LEU B 546 -10.96 8.87 -23.64
N ILE B 547 -10.54 8.21 -24.73
CA ILE B 547 -9.52 8.78 -25.59
C ILE B 547 -9.97 10.11 -26.15
N ASN B 548 -11.22 10.19 -26.61
CA ASN B 548 -11.66 11.41 -27.26
C ASN B 548 -11.83 12.54 -26.27
N GLN B 549 -12.27 12.25 -25.05
CA GLN B 549 -12.33 13.30 -24.05
C GLN B 549 -10.94 13.77 -23.68
N PHE B 550 -9.98 12.84 -23.62
CA PHE B 550 -8.59 13.20 -23.35
C PHE B 550 -8.05 14.12 -24.45
N LYS B 551 -8.33 13.80 -25.71
CA LYS B 551 -7.85 14.65 -26.80
C LYS B 551 -8.42 16.05 -26.71
N GLU B 552 -9.65 16.19 -26.22
CA GLU B 552 -10.26 17.51 -26.07
C GLU B 552 -9.63 18.28 -24.91
N TRP B 553 -9.15 17.57 -23.89
CA TRP B 553 -8.65 18.19 -22.67
C TRP B 553 -7.13 18.27 -22.59
N GLU B 554 -6.39 17.55 -23.43
CA GLU B 554 -4.93 17.57 -23.31
C GLU B 554 -4.36 18.89 -23.84
N GLU B 555 -3.06 19.06 -23.62
CA GLU B 555 -2.37 20.24 -24.13
C GLU B 555 -2.43 20.27 -25.65
#